data_3JPZ
#
_entry.id   3JPZ
#
_cell.length_a   74.340
_cell.length_b   59.550
_cell.length_c   85.850
_cell.angle_alpha   90.000
_cell.angle_beta   105.040
_cell.angle_gamma   90.000
#
_symmetry.space_group_name_H-M   'P 1 21 1'
#
loop_
_entity.id
_entity.type
_entity.pdbx_description
1 polymer 'Lombricine kinase'
2 non-polymer 'NITRATE ION'
3 water water
#
_entity_poly.entity_id   1
_entity_poly.type   'polypeptide(L)'
_entity_poly.pdbx_seq_one_letter_code
;MAFQNDAKANFPDYANHGCVVGRHLNFEMYQRLFGKKTAHGVTVDKVIQPSVDNFGNCIGLIAGDEESYEVFKELFDAVI
NEKHKGFGPNDSQPAPDLDASKLVGGQFDEKYVKSCRIRTGRGIRGLCYPPSCTRGERREVERVITTALAGLSGDLSGTY
YPLSKMTPEQENQLIADHFLFQKPTGHLMVNSASVRDWPDARGIWHNNEKTFLIWINEEDHMRVISMQKGGNVKAVFERF
GRGLNAIAEQMKKNGREYMWNQRLGYLCACPSNLGTGLRASVHVQLHQLSKHPKFEDIVVALQLQKRGTGGEHTAAVDDV
YDISNAARLKKSEREFVQLLIDGVKKLIDMEQALEAGKSIDDLIPA
;
_entity_poly.pdbx_strand_id   A,B
#
# COMPACT_ATOMS: atom_id res chain seq x y z
N PHE A 3 -17.97 -21.30 9.71
CA PHE A 3 -17.56 -20.04 9.08
C PHE A 3 -18.21 -19.84 7.73
N GLN A 4 -18.92 -18.71 7.60
CA GLN A 4 -19.43 -18.28 6.29
C GLN A 4 -18.75 -16.98 5.90
N ASN A 5 -18.15 -16.98 4.72
CA ASN A 5 -17.44 -15.80 4.24
C ASN A 5 -18.39 -14.90 3.46
N ASP A 6 -19.43 -14.44 4.16
CA ASP A 6 -20.55 -13.77 3.53
C ASP A 6 -20.58 -12.29 3.90
N ALA A 7 -21.62 -11.59 3.48
CA ALA A 7 -21.71 -10.16 3.73
C ALA A 7 -21.60 -9.82 5.22
N LYS A 8 -22.22 -10.64 6.07
CA LYS A 8 -22.19 -10.39 7.50
C LYS A 8 -20.77 -10.45 8.06
N ALA A 9 -20.05 -11.50 7.67
CA ALA A 9 -18.70 -11.71 8.14
C ALA A 9 -17.77 -10.59 7.65
N ASN A 10 -18.16 -9.93 6.55
CA ASN A 10 -17.25 -9.06 5.83
C ASN A 10 -17.54 -7.58 5.94
N PHE A 11 -18.66 -7.22 6.56
CA PHE A 11 -19.09 -5.84 6.59
C PHE A 11 -18.06 -5.01 7.33
N PRO A 12 -17.57 -3.94 6.69
CA PRO A 12 -16.61 -3.07 7.37
C PRO A 12 -17.18 -2.49 8.64
N ASP A 13 -16.31 -2.19 9.60
CA ASP A 13 -16.68 -1.47 10.79
C ASP A 13 -16.37 0.00 10.54
N TYR A 14 -17.41 0.78 10.31
CA TYR A 14 -17.22 2.18 9.95
C TYR A 14 -17.24 3.08 11.17
N ALA A 15 -17.15 2.48 12.36
CA ALA A 15 -17.06 3.26 13.58
C ALA A 15 -15.82 4.12 13.49
N ASN A 16 -15.99 5.41 13.75
CA ASN A 16 -14.88 6.35 13.80
C ASN A 16 -14.31 6.63 12.41
N HIS A 17 -15.10 6.33 11.38
CA HIS A 17 -14.72 6.63 10.00
C HIS A 17 -15.49 7.84 9.50
N GLY A 18 -14.76 8.85 9.02
CA GLY A 18 -15.37 10.03 8.46
C GLY A 18 -15.53 9.90 6.95
N CYS A 19 -15.41 8.69 6.43
CA CYS A 19 -15.54 8.45 4.98
C CYS A 19 -16.98 8.59 4.48
N VAL A 20 -17.14 9.17 3.31
CA VAL A 20 -18.44 9.30 2.68
C VAL A 20 -19.09 7.92 2.47
N VAL A 21 -18.28 6.95 2.05
CA VAL A 21 -18.82 5.64 1.72
C VAL A 21 -19.54 5.04 2.92
N GLY A 22 -18.96 5.24 4.11
CA GLY A 22 -19.48 4.66 5.33
C GLY A 22 -20.81 5.22 5.79
N ARG A 23 -21.17 6.39 5.29
CA ARG A 23 -22.44 6.99 5.63
C ARG A 23 -23.55 6.56 4.69
N HIS A 24 -23.17 5.90 3.59
CA HIS A 24 -24.14 5.42 2.61
C HIS A 24 -24.17 3.89 2.47
N LEU A 25 -23.08 3.24 2.85
CA LEU A 25 -22.97 1.79 2.70
C LEU A 25 -23.41 1.09 3.97
N ASN A 26 -24.72 1.01 4.17
CA ASN A 26 -25.27 0.27 5.30
C ASN A 26 -25.25 -1.21 4.94
N PHE A 27 -25.45 -2.06 5.95
CA PHE A 27 -25.26 -3.49 5.75
C PHE A 27 -26.10 -4.06 4.61
N GLU A 28 -27.24 -3.43 4.37
CA GLU A 28 -28.22 -3.92 3.42
C GLU A 28 -27.73 -3.72 2.00
N MET A 29 -27.27 -2.51 1.71
CA MET A 29 -26.62 -2.22 0.44
C MET A 29 -25.41 -3.14 0.28
N TYR A 30 -24.61 -3.24 1.33
CA TYR A 30 -23.43 -4.09 1.31
C TYR A 30 -23.81 -5.51 0.91
N GLN A 31 -24.91 -6.00 1.48
CA GLN A 31 -25.35 -7.37 1.24
C GLN A 31 -25.78 -7.53 -0.21
N ARG A 32 -26.48 -6.53 -0.74
CA ARG A 32 -26.92 -6.55 -2.12
C ARG A 32 -25.75 -6.63 -3.08
N LEU A 33 -24.69 -5.89 -2.75
CA LEU A 33 -23.55 -5.72 -3.64
C LEU A 33 -22.52 -6.81 -3.42
N PHE A 34 -22.58 -7.46 -2.27
CA PHE A 34 -21.66 -8.53 -1.94
C PHE A 34 -21.96 -9.73 -2.84
N GLY A 35 -20.92 -10.25 -3.49
CA GLY A 35 -21.11 -11.37 -4.41
C GLY A 35 -21.27 -10.91 -5.84
N LYS A 36 -21.43 -9.61 -6.04
CA LYS A 36 -21.45 -9.05 -7.38
C LYS A 36 -20.02 -8.84 -7.88
N LYS A 37 -19.85 -8.94 -9.19
CA LYS A 37 -18.56 -8.75 -9.80
C LYS A 37 -18.76 -8.18 -11.19
N THR A 38 -17.88 -7.25 -11.58
CA THR A 38 -17.89 -6.74 -12.94
C THR A 38 -17.30 -7.81 -13.83
N ALA A 39 -17.22 -7.54 -15.12
CA ALA A 39 -16.61 -8.49 -16.05
C ALA A 39 -15.10 -8.58 -15.83
N HIS A 40 -14.53 -7.58 -15.18
CA HIS A 40 -13.09 -7.61 -14.89
C HIS A 40 -12.83 -8.07 -13.46
N GLY A 41 -13.89 -8.48 -12.77
CA GLY A 41 -13.76 -9.11 -11.46
C GLY A 41 -13.68 -8.12 -10.31
N VAL A 42 -13.91 -6.85 -10.62
CA VAL A 42 -14.01 -5.85 -9.55
C VAL A 42 -15.18 -6.20 -8.65
N THR A 43 -14.96 -6.11 -7.35
CA THR A 43 -15.97 -6.44 -6.37
C THR A 43 -16.26 -5.23 -5.48
N VAL A 44 -17.38 -5.29 -4.75
CA VAL A 44 -17.72 -4.20 -3.84
C VAL A 44 -16.56 -3.95 -2.89
N ASP A 45 -15.96 -5.03 -2.39
CA ASP A 45 -14.87 -4.91 -1.45
C ASP A 45 -13.72 -4.11 -2.03
N LYS A 46 -13.39 -4.37 -3.29
CA LYS A 46 -12.36 -3.60 -3.99
C LYS A 46 -12.68 -2.11 -4.05
N VAL A 47 -13.90 -1.75 -4.44
CA VAL A 47 -14.19 -0.35 -4.67
C VAL A 47 -14.34 0.42 -3.36
N ILE A 48 -14.59 -0.30 -2.26
CA ILE A 48 -14.74 0.38 -0.97
C ILE A 48 -13.54 0.24 -0.06
N GLN A 49 -12.53 -0.50 -0.49
CA GLN A 49 -11.36 -0.74 0.35
C GLN A 49 -10.80 0.54 1.00
N PRO A 50 -10.54 1.57 0.19
CA PRO A 50 -9.98 2.81 0.74
C PRO A 50 -10.81 3.38 1.89
N SER A 51 -12.13 3.23 1.77
CA SER A 51 -13.06 3.76 2.76
CA SER A 51 -13.07 3.73 2.75
C SER A 51 -12.89 3.07 4.12
N VAL A 52 -12.36 1.86 4.11
CA VAL A 52 -12.16 1.13 5.34
C VAL A 52 -10.80 1.46 5.97
N ASP A 53 -9.74 1.48 5.16
CA ASP A 53 -8.38 1.71 5.64
C ASP A 53 -8.19 3.09 6.25
N ASN A 54 -8.81 4.07 5.62
CA ASN A 54 -8.66 5.47 6.00
C ASN A 54 -9.78 5.85 6.95
N PHE A 55 -9.42 6.37 8.11
CA PHE A 55 -10.41 6.70 9.13
C PHE A 55 -10.90 8.13 9.03
N GLY A 56 -10.19 8.95 8.26
CA GLY A 56 -10.51 10.36 8.16
C GLY A 56 -11.49 10.76 7.06
N ASN A 57 -11.65 12.07 6.93
CA ASN A 57 -12.53 12.68 5.95
CA ASN A 57 -12.55 12.64 5.94
C ASN A 57 -12.11 12.37 4.52
N CYS A 58 -12.73 11.36 3.92
CA CYS A 58 -12.43 11.00 2.53
C CYS A 58 -13.69 10.49 1.88
N ILE A 59 -13.63 10.23 0.58
CA ILE A 59 -14.74 9.58 -0.10
C ILE A 59 -14.65 8.10 0.19
N GLY A 60 -13.52 7.50 -0.18
CA GLY A 60 -13.25 6.10 0.12
C GLY A 60 -13.74 5.14 -0.93
N LEU A 61 -14.32 5.68 -2.00
CA LEU A 61 -14.87 4.84 -3.07
C LEU A 61 -14.04 5.01 -4.33
N ILE A 62 -13.71 3.90 -4.98
CA ILE A 62 -12.93 3.97 -6.21
C ILE A 62 -13.31 2.85 -7.16
N ALA A 63 -13.41 3.17 -8.44
CA ALA A 63 -13.78 2.19 -9.45
C ALA A 63 -12.56 1.36 -9.81
N GLY A 64 -12.73 0.05 -9.82
CA GLY A 64 -11.71 -0.82 -10.37
C GLY A 64 -11.76 -0.78 -11.88
N ASP A 65 -12.91 -0.44 -12.42
CA ASP A 65 -13.11 -0.40 -13.86
C ASP A 65 -14.37 0.38 -14.23
N GLU A 66 -14.60 0.57 -15.51
CA GLU A 66 -15.70 1.41 -15.98
C GLU A 66 -17.01 0.80 -15.50
N GLU A 67 -17.05 -0.53 -15.51
CA GLU A 67 -18.24 -1.28 -15.18
C GLU A 67 -18.60 -1.10 -13.71
N SER A 68 -17.62 -0.69 -12.90
CA SER A 68 -17.85 -0.46 -11.49
C SER A 68 -19.02 0.47 -11.24
N TYR A 69 -19.18 1.50 -12.06
CA TYR A 69 -20.24 2.48 -11.85
C TYR A 69 -21.64 1.89 -12.03
N GLU A 70 -21.77 0.84 -12.83
CA GLU A 70 -23.08 0.24 -13.02
C GLU A 70 -23.31 -0.95 -12.08
N VAL A 71 -22.34 -1.85 -11.97
CA VAL A 71 -22.51 -3.03 -11.12
C VAL A 71 -22.72 -2.63 -9.66
N PHE A 72 -21.98 -1.62 -9.21
CA PHE A 72 -22.16 -1.05 -7.88
C PHE A 72 -22.77 0.32 -8.00
N LYS A 73 -23.68 0.45 -8.97
CA LYS A 73 -24.33 1.71 -9.28
C LYS A 73 -24.91 2.41 -8.06
N GLU A 74 -25.57 1.67 -7.20
CA GLU A 74 -26.30 2.29 -6.09
C GLU A 74 -25.34 2.86 -5.05
N LEU A 75 -24.12 2.34 -5.02
CA LEU A 75 -23.11 2.84 -4.10
C LEU A 75 -22.42 4.06 -4.68
N PHE A 76 -22.03 3.97 -5.95
CA PHE A 76 -21.42 5.11 -6.61
C PHE A 76 -22.40 6.24 -6.68
N ASP A 77 -23.67 5.94 -6.95
CA ASP A 77 -24.63 7.02 -7.14
C ASP A 77 -24.83 7.79 -5.83
N ALA A 78 -24.86 7.08 -4.71
CA ALA A 78 -25.07 7.76 -3.44
C ALA A 78 -23.86 8.63 -3.11
N VAL A 79 -22.66 8.11 -3.38
CA VAL A 79 -21.45 8.80 -3.04
C VAL A 79 -21.30 10.04 -3.95
N ILE A 80 -21.51 9.85 -5.25
CA ILE A 80 -21.47 10.92 -6.22
C ILE A 80 -22.40 12.07 -5.82
N ASN A 81 -23.57 11.72 -5.30
CA ASN A 81 -24.58 12.73 -4.98
C ASN A 81 -24.17 13.59 -3.78
N GLU A 82 -23.36 13.02 -2.89
CA GLU A 82 -22.87 13.80 -1.76
C GLU A 82 -21.67 14.62 -2.19
N LYS A 83 -20.72 13.97 -2.83
CA LYS A 83 -19.47 14.60 -3.21
C LYS A 83 -19.70 15.80 -4.12
N HIS A 84 -20.66 15.67 -5.02
CA HIS A 84 -20.90 16.69 -6.02
C HIS A 84 -22.11 17.54 -5.67
N LYS A 85 -22.45 17.52 -4.39
CA LYS A 85 -23.46 18.41 -3.82
C LYS A 85 -24.70 18.53 -4.69
N GLY A 86 -25.39 17.40 -4.87
CA GLY A 86 -26.60 17.39 -5.65
C GLY A 86 -26.34 16.93 -7.07
N PHE A 87 -26.31 15.61 -7.23
CA PHE A 87 -26.25 14.97 -8.55
C PHE A 87 -26.77 13.56 -8.36
N GLY A 88 -28.09 13.40 -8.50
CA GLY A 88 -28.75 12.13 -8.26
C GLY A 88 -28.73 11.24 -9.48
N PRO A 89 -29.40 10.08 -9.41
CA PRO A 89 -29.40 9.07 -10.48
C PRO A 89 -29.95 9.59 -11.81
N ASN A 90 -30.93 10.47 -11.74
CA ASN A 90 -31.59 10.98 -12.94
C ASN A 90 -30.95 12.27 -13.45
N ASP A 91 -29.94 12.74 -12.73
CA ASP A 91 -29.18 13.91 -13.16
C ASP A 91 -28.19 13.48 -14.23
N SER A 92 -27.79 14.41 -15.09
CA SER A 92 -26.88 14.08 -16.17
C SER A 92 -25.87 15.20 -16.43
N GLN A 93 -24.65 14.79 -16.75
CA GLN A 93 -23.59 15.71 -17.11
C GLN A 93 -23.81 16.24 -18.52
N PRO A 94 -23.65 17.55 -18.71
CA PRO A 94 -23.79 18.11 -20.06
C PRO A 94 -22.81 17.48 -21.03
N ALA A 95 -23.17 17.41 -22.31
CA ALA A 95 -22.26 16.89 -23.32
C ALA A 95 -20.94 17.63 -23.17
N PRO A 96 -19.84 17.00 -23.60
CA PRO A 96 -18.54 17.68 -23.52
C PRO A 96 -18.50 18.90 -24.42
N ASP A 97 -17.92 19.99 -23.91
CA ASP A 97 -17.74 21.19 -24.70
C ASP A 97 -16.29 21.67 -24.62
N LEU A 98 -15.50 21.31 -25.62
CA LEU A 98 -14.10 21.72 -25.70
C LEU A 98 -13.92 22.84 -26.72
N ASP A 99 -14.94 23.69 -26.85
CA ASP A 99 -14.93 24.71 -27.90
C ASP A 99 -14.43 26.03 -27.35
N ALA A 100 -13.12 26.24 -27.45
CA ALA A 100 -12.46 27.44 -26.98
C ALA A 100 -13.03 28.70 -27.60
N SER A 101 -13.39 28.65 -28.87
CA SER A 101 -13.94 29.82 -29.56
C SER A 101 -15.21 30.35 -28.87
N LYS A 102 -15.86 29.51 -28.08
CA LYS A 102 -17.08 29.88 -27.37
C LYS A 102 -16.77 30.73 -26.12
N LEU A 103 -15.50 30.91 -25.82
CA LEU A 103 -15.08 31.59 -24.60
C LEU A 103 -15.17 33.09 -24.72
N VAL A 104 -15.42 33.74 -23.59
CA VAL A 104 -15.52 35.19 -23.53
C VAL A 104 -14.47 35.71 -22.58
N GLY A 105 -13.56 36.55 -23.10
CA GLY A 105 -12.57 37.23 -22.28
C GLY A 105 -11.47 36.34 -21.72
N GLY A 106 -11.13 35.27 -22.44
CA GLY A 106 -10.15 34.31 -21.96
C GLY A 106 -8.69 34.74 -22.01
N GLN A 107 -8.43 36.04 -21.97
CA GLN A 107 -7.06 36.53 -21.89
CA GLN A 107 -7.07 36.55 -21.89
C GLN A 107 -6.95 37.51 -20.73
N PHE A 108 -6.26 37.08 -19.69
CA PHE A 108 -6.13 37.89 -18.49
C PHE A 108 -5.00 38.87 -18.64
N ASP A 109 -5.10 39.93 -17.84
CA ASP A 109 -4.04 40.89 -17.66
C ASP A 109 -2.89 40.14 -17.01
N GLU A 110 -1.77 40.10 -17.70
CA GLU A 110 -0.67 39.27 -17.26
C GLU A 110 0.18 39.94 -16.18
N LYS A 111 -0.18 41.16 -15.80
CA LYS A 111 0.39 41.76 -14.59
C LYS A 111 -0.13 41.01 -13.38
N TYR A 112 -1.27 40.36 -13.54
CA TYR A 112 -1.90 39.65 -12.45
C TYR A 112 -1.83 38.13 -12.64
N VAL A 113 -2.29 37.64 -13.80
CA VAL A 113 -2.23 36.22 -14.07
C VAL A 113 -0.88 35.81 -14.65
N LYS A 114 -0.16 34.97 -13.91
CA LYS A 114 1.21 34.57 -14.24
C LYS A 114 1.25 33.34 -15.12
N SER A 115 0.24 32.49 -15.03
CA SER A 115 0.17 31.28 -15.84
C SER A 115 -1.22 30.68 -15.76
N CYS A 116 -1.48 29.75 -16.67
N CYS A 116 -1.51 29.73 -16.63
CA CYS A 116 -2.75 29.04 -16.73
CA CYS A 116 -2.81 29.07 -16.62
C CYS A 116 -2.46 27.61 -17.13
C CYS A 116 -2.76 27.69 -17.27
N ARG A 117 -3.19 26.68 -16.53
CA ARG A 117 -3.26 25.33 -17.07
C ARG A 117 -4.69 24.85 -16.93
N ILE A 118 -5.03 23.87 -17.75
CA ILE A 118 -6.31 23.18 -17.66
C ILE A 118 -5.98 21.70 -17.75
N ARG A 119 -6.50 20.92 -16.82
CA ARG A 119 -6.17 19.51 -16.78
C ARG A 119 -7.44 18.66 -16.75
N THR A 120 -7.34 17.46 -17.30
CA THR A 120 -8.40 16.50 -17.14
C THR A 120 -7.75 15.13 -17.13
N GLY A 121 -8.57 14.12 -17.00
CA GLY A 121 -8.09 12.76 -17.07
C GLY A 121 -8.95 12.00 -18.05
N ARG A 122 -8.39 10.94 -18.60
CA ARG A 122 -9.14 10.07 -19.49
C ARG A 122 -8.82 8.63 -19.14
N GLY A 123 -9.85 7.80 -19.16
CA GLY A 123 -9.67 6.36 -19.13
C GLY A 123 -9.76 5.81 -20.54
N ILE A 124 -9.12 4.67 -20.78
CA ILE A 124 -9.21 4.00 -22.07
C ILE A 124 -10.19 2.84 -21.97
N ARG A 125 -11.29 2.92 -22.70
CA ARG A 125 -12.36 1.94 -22.58
C ARG A 125 -11.84 0.54 -22.89
N GLY A 126 -12.35 -0.44 -22.14
CA GLY A 126 -11.91 -1.81 -22.26
C GLY A 126 -10.86 -2.21 -21.24
N LEU A 127 -10.33 -1.25 -20.49
CA LEU A 127 -9.20 -1.49 -19.62
C LEU A 127 -9.41 -0.99 -18.20
N CYS A 128 -9.03 -1.83 -17.23
CA CYS A 128 -9.23 -1.50 -15.84
C CYS A 128 -8.43 -0.29 -15.42
N TYR A 129 -9.02 0.52 -14.57
CA TYR A 129 -8.30 1.58 -13.87
C TYR A 129 -7.15 1.02 -13.03
N PRO A 130 -6.22 1.89 -12.63
CA PRO A 130 -5.06 1.56 -11.80
C PRO A 130 -5.35 0.69 -10.57
N PRO A 131 -6.51 0.84 -9.93
CA PRO A 131 -6.71 -0.02 -8.75
C PRO A 131 -6.77 -1.51 -9.08
N SER A 132 -7.26 -1.86 -10.28
CA SER A 132 -7.56 -3.25 -10.61
C SER A 132 -6.87 -3.76 -11.87
N CYS A 133 -6.13 -2.90 -12.56
CA CYS A 133 -5.52 -3.30 -13.83
C CYS A 133 -4.31 -4.21 -13.62
N THR A 134 -4.16 -5.19 -14.50
CA THR A 134 -3.00 -6.04 -14.46
C THR A 134 -1.84 -5.27 -15.05
N ARG A 135 -0.62 -5.78 -14.87
CA ARG A 135 0.56 -5.24 -15.55
C ARG A 135 0.37 -5.23 -17.07
N GLY A 136 -0.33 -6.24 -17.60
CA GLY A 136 -0.54 -6.34 -19.03
C GLY A 136 -1.52 -5.29 -19.52
N GLU A 137 -2.62 -5.12 -18.78
CA GLU A 137 -3.60 -4.11 -19.11
C GLU A 137 -2.94 -2.74 -19.12
N ARG A 138 -2.11 -2.50 -18.11
CA ARG A 138 -1.51 -1.19 -17.91
C ARG A 138 -0.56 -0.87 -19.03
N ARG A 139 0.18 -1.87 -19.47
CA ARG A 139 1.10 -1.71 -20.59
C ARG A 139 0.31 -1.42 -21.85
N GLU A 140 -0.90 -1.97 -21.95
CA GLU A 140 -1.78 -1.72 -23.09
C GLU A 140 -2.31 -0.29 -23.07
N VAL A 141 -2.63 0.23 -21.89
CA VAL A 141 -2.94 1.65 -21.77
C VAL A 141 -1.76 2.48 -22.25
N GLU A 142 -0.58 2.23 -21.68
CA GLU A 142 0.62 2.96 -22.07
C GLU A 142 0.87 2.86 -23.57
N ARG A 143 0.65 1.69 -24.14
CA ARG A 143 0.94 1.49 -25.56
C ARG A 143 -0.03 2.30 -26.39
N VAL A 144 -1.30 2.17 -26.07
CA VAL A 144 -2.35 2.85 -26.81
C VAL A 144 -2.12 4.35 -26.82
N ILE A 145 -1.94 4.93 -25.63
CA ILE A 145 -1.76 6.37 -25.51
C ILE A 145 -0.47 6.83 -26.19
N THR A 146 0.60 6.07 -25.99
CA THR A 146 1.92 6.47 -26.49
C THR A 146 2.03 6.40 -28.01
N THR A 147 1.47 5.36 -28.63
CA THR A 147 1.53 5.26 -30.09
C THR A 147 0.54 6.22 -30.73
N ALA A 148 -0.58 6.46 -30.06
CA ALA A 148 -1.53 7.46 -30.51
C ALA A 148 -0.88 8.85 -30.47
N LEU A 149 -0.03 9.05 -29.47
CA LEU A 149 0.68 10.31 -29.28
C LEU A 149 1.70 10.50 -30.39
N ALA A 150 2.28 9.39 -30.85
CA ALA A 150 3.33 9.43 -31.85
C ALA A 150 2.79 9.93 -33.19
N GLY A 151 1.47 9.98 -33.31
CA GLY A 151 0.83 10.42 -34.53
C GLY A 151 0.40 11.88 -34.49
N LEU A 152 0.71 12.55 -33.39
CA LEU A 152 0.52 13.99 -33.31
C LEU A 152 1.66 14.68 -34.04
N SER A 153 1.39 15.85 -34.61
N SER A 153 1.37 15.84 -34.61
CA SER A 153 2.42 16.65 -35.24
CA SER A 153 2.36 16.65 -35.31
C SER A 153 2.23 18.11 -34.87
C SER A 153 2.22 18.10 -34.89
N GLY A 154 2.89 18.99 -35.61
CA GLY A 154 2.77 20.42 -35.36
C GLY A 154 3.26 20.80 -33.98
N ASP A 155 2.48 21.62 -33.28
CA ASP A 155 2.87 22.06 -31.95
C ASP A 155 2.56 20.98 -30.90
N LEU A 156 2.01 19.86 -31.35
CA LEU A 156 1.76 18.73 -30.46
C LEU A 156 2.79 17.62 -30.69
N SER A 157 3.80 17.91 -31.50
CA SER A 157 4.92 16.99 -31.64
C SER A 157 5.67 16.96 -30.32
N GLY A 158 5.99 15.77 -29.85
CA GLY A 158 6.65 15.63 -28.58
C GLY A 158 7.34 14.30 -28.41
N THR A 159 7.85 14.06 -27.21
CA THR A 159 8.57 12.84 -26.92
C THR A 159 7.94 12.15 -25.71
N TYR A 160 8.05 10.83 -25.67
CA TYR A 160 7.58 10.07 -24.51
C TYR A 160 8.75 9.63 -23.66
N TYR A 161 8.64 9.89 -22.36
CA TYR A 161 9.68 9.58 -21.40
C TYR A 161 9.14 8.54 -20.44
N PRO A 162 9.48 7.27 -20.68
CA PRO A 162 9.13 6.20 -19.75
C PRO A 162 9.77 6.42 -18.38
N LEU A 163 9.01 6.29 -17.31
CA LEU A 163 9.58 6.26 -15.97
C LEU A 163 10.57 5.10 -15.85
N SER A 164 10.28 4.00 -16.53
CA SER A 164 11.07 2.77 -16.42
C SER A 164 12.44 2.89 -17.06
N LYS A 165 12.62 3.86 -17.95
CA LYS A 165 13.90 4.05 -18.62
C LYS A 165 14.46 5.44 -18.36
N MET A 166 13.78 6.19 -17.50
CA MET A 166 14.20 7.52 -17.11
C MET A 166 15.67 7.57 -16.70
N THR A 167 16.43 8.45 -17.33
CA THR A 167 17.80 8.73 -16.94
C THR A 167 17.79 9.88 -15.92
N PRO A 168 18.79 9.92 -15.03
CA PRO A 168 18.81 11.00 -14.03
C PRO A 168 18.83 12.36 -14.71
N GLU A 169 19.42 12.42 -15.90
CA GLU A 169 19.36 13.64 -16.70
C GLU A 169 17.90 13.98 -16.95
N GLN A 170 17.23 13.10 -17.65
CA GLN A 170 15.84 13.31 -18.07
C GLN A 170 14.92 13.70 -16.91
N GLU A 171 15.09 13.05 -15.76
CA GLU A 171 14.23 13.30 -14.62
C GLU A 171 14.55 14.66 -14.00
N ASN A 172 15.81 15.04 -14.05
CA ASN A 172 16.23 16.36 -13.56
C ASN A 172 15.59 17.47 -14.37
N GLN A 173 15.54 17.29 -15.69
CA GLN A 173 14.91 18.28 -16.56
C GLN A 173 13.42 18.35 -16.31
N LEU A 174 12.79 17.19 -16.13
CA LEU A 174 11.36 17.12 -15.94
C LEU A 174 10.96 17.79 -14.63
N ILE A 175 11.82 17.72 -13.63
CA ILE A 175 11.56 18.42 -12.38
C ILE A 175 11.56 19.92 -12.61
N ALA A 176 12.47 20.39 -13.45
CA ALA A 176 12.59 21.81 -13.76
C ALA A 176 11.37 22.33 -14.49
N ASP A 177 10.83 21.50 -15.37
CA ASP A 177 9.59 21.79 -16.08
C ASP A 177 8.36 21.58 -15.20
N HIS A 178 8.59 21.12 -13.98
CA HIS A 178 7.49 20.70 -13.11
C HIS A 178 6.59 19.70 -13.83
N PHE A 179 7.20 18.82 -14.62
CA PHE A 179 6.48 17.81 -15.40
C PHE A 179 6.54 16.41 -14.79
N LEU A 180 7.25 16.28 -13.68
CA LEU A 180 7.48 14.95 -13.12
C LEU A 180 6.39 14.55 -12.15
N PHE A 181 6.04 13.27 -12.17
CA PHE A 181 5.22 12.69 -11.11
C PHE A 181 5.98 11.55 -10.45
N GLN A 182 5.68 11.34 -9.17
CA GLN A 182 6.40 10.37 -8.33
C GLN A 182 5.44 9.24 -7.99
N LYS A 183 5.96 8.15 -7.44
CA LYS A 183 5.07 7.12 -6.92
C LYS A 183 4.12 7.78 -5.92
N PRO A 184 2.82 7.64 -6.14
CA PRO A 184 1.90 8.25 -5.18
C PRO A 184 1.95 7.56 -3.82
N THR A 185 1.74 8.34 -2.76
CA THR A 185 1.85 7.88 -1.39
C THR A 185 0.57 8.20 -0.61
N GLY A 186 -0.35 8.90 -1.26
CA GLY A 186 -1.63 9.20 -0.66
C GLY A 186 -2.40 7.93 -0.33
N HIS A 187 -3.19 7.98 0.73
CA HIS A 187 -3.99 6.84 1.13
C HIS A 187 -4.84 6.30 -0.03
N LEU A 188 -5.43 7.19 -0.82
CA LEU A 188 -6.34 6.72 -1.87
C LEU A 188 -5.64 5.79 -2.84
N MET A 189 -4.52 6.26 -3.37
CA MET A 189 -3.77 5.58 -4.41
C MET A 189 -3.04 4.35 -3.85
N VAL A 190 -2.59 4.45 -2.61
CA VAL A 190 -1.91 3.32 -1.99
C VAL A 190 -2.92 2.21 -1.64
N ASN A 191 -3.89 2.57 -0.82
CA ASN A 191 -4.86 1.61 -0.32
C ASN A 191 -5.71 0.99 -1.43
N SER A 192 -5.81 1.65 -2.58
CA SER A 192 -6.56 1.09 -3.71
C SER A 192 -5.68 0.18 -4.58
N ALA A 193 -4.48 -0.08 -4.12
CA ALA A 193 -3.48 -0.81 -4.89
C ALA A 193 -3.31 -0.17 -6.25
N SER A 194 -3.42 1.15 -6.32
CA SER A 194 -3.27 1.84 -7.59
C SER A 194 -1.82 2.17 -7.90
N VAL A 195 -0.90 1.81 -7.00
CA VAL A 195 0.53 2.04 -7.23
C VAL A 195 1.33 0.74 -7.45
N ARG A 196 0.65 -0.32 -7.86
CA ARG A 196 1.31 -1.61 -8.11
C ARG A 196 2.30 -1.58 -9.27
N ASP A 197 3.39 -2.33 -9.12
CA ASP A 197 4.39 -2.48 -10.16
C ASP A 197 5.02 -1.17 -10.59
N TRP A 198 5.08 -0.21 -9.68
CA TRP A 198 5.68 1.08 -9.98
C TRP A 198 7.13 0.92 -10.37
N PRO A 199 7.56 1.57 -11.49
CA PRO A 199 6.85 2.44 -12.42
C PRO A 199 6.65 1.83 -13.80
N ASP A 200 6.43 0.53 -13.84
CA ASP A 200 6.16 -0.17 -15.09
C ASP A 200 4.96 0.45 -15.82
N ALA A 201 5.18 0.85 -17.07
CA ALA A 201 4.13 1.44 -17.90
C ALA A 201 3.66 2.80 -17.38
N ARG A 202 4.51 3.47 -16.62
CA ARG A 202 4.26 4.87 -16.25
C ARG A 202 5.15 5.73 -17.12
N GLY A 203 4.69 6.90 -17.49
CA GLY A 203 5.51 7.79 -18.29
C GLY A 203 5.02 9.22 -18.38
N ILE A 204 5.90 10.06 -18.90
CA ILE A 204 5.60 11.46 -19.11
C ILE A 204 5.84 11.78 -20.57
N TRP A 205 4.82 12.28 -21.24
CA TRP A 205 4.95 12.76 -22.60
C TRP A 205 4.70 14.26 -22.57
N HIS A 206 5.34 14.99 -23.46
CA HIS A 206 4.98 16.39 -23.68
C HIS A 206 5.49 16.86 -25.01
N ASN A 207 4.88 17.92 -25.53
CA ASN A 207 5.29 18.51 -26.77
C ASN A 207 6.55 19.35 -26.58
N ASN A 208 7.15 19.77 -27.69
CA ASN A 208 8.40 20.51 -27.66
C ASN A 208 8.29 21.87 -26.96
N GLU A 209 7.14 22.53 -27.11
CA GLU A 209 6.95 23.86 -26.52
C GLU A 209 6.75 23.78 -25.02
N LYS A 210 6.45 22.58 -24.52
CA LYS A 210 6.19 22.37 -23.11
C LYS A 210 4.91 23.08 -22.68
N THR A 211 3.88 22.93 -23.50
CA THR A 211 2.58 23.52 -23.23
C THR A 211 1.49 22.45 -23.21
N PHE A 212 1.88 21.21 -23.52
CA PHE A 212 0.95 20.10 -23.49
C PHE A 212 1.67 18.91 -22.87
N LEU A 213 1.15 18.45 -21.74
CA LEU A 213 1.84 17.46 -20.92
C LEU A 213 0.92 16.26 -20.70
N ILE A 214 1.47 15.08 -20.79
CA ILE A 214 0.69 13.86 -20.71
C ILE A 214 1.34 12.96 -19.67
N TRP A 215 0.60 12.57 -18.64
CA TRP A 215 1.05 11.54 -17.71
C TRP A 215 0.29 10.27 -17.95
N ILE A 216 1.00 9.17 -18.09
CA ILE A 216 0.36 7.88 -18.28
C ILE A 216 0.49 7.04 -17.01
N ASN A 217 -0.66 6.56 -16.55
CA ASN A 217 -0.71 5.53 -15.52
C ASN A 217 -0.18 6.02 -14.18
N GLU A 218 -0.32 7.30 -13.92
CA GLU A 218 -0.20 7.81 -12.55
C GLU A 218 -1.51 7.50 -11.84
N GLU A 219 -2.40 8.48 -11.76
CA GLU A 219 -3.69 8.32 -11.10
C GLU A 219 -4.76 7.86 -12.09
N ASP A 220 -4.71 8.43 -13.28
CA ASP A 220 -5.61 8.07 -14.36
C ASP A 220 -4.78 7.38 -15.43
N HIS A 221 -5.43 6.76 -16.41
CA HIS A 221 -4.67 6.20 -17.51
C HIS A 221 -3.92 7.35 -18.16
N MET A 222 -4.64 8.39 -18.51
CA MET A 222 -4.06 9.54 -19.18
C MET A 222 -4.49 10.83 -18.50
N ARG A 223 -3.52 11.55 -17.96
CA ARG A 223 -3.76 12.86 -17.38
C ARG A 223 -3.24 13.88 -18.35
N VAL A 224 -4.14 14.69 -18.90
CA VAL A 224 -3.78 15.65 -19.92
C VAL A 224 -3.72 17.05 -19.33
N ILE A 225 -2.59 17.73 -19.48
CA ILE A 225 -2.48 19.09 -19.00
C ILE A 225 -2.03 20.01 -20.11
N SER A 226 -2.83 21.04 -20.39
CA SER A 226 -2.40 22.13 -21.23
C SER A 226 -2.05 23.33 -20.37
N MET A 227 -0.97 24.03 -20.74
CA MET A 227 -0.45 25.11 -19.92
C MET A 227 0.38 26.12 -20.71
N GLN A 228 0.41 27.36 -20.21
CA GLN A 228 1.24 28.44 -20.73
C GLN A 228 1.49 29.44 -19.61
N LYS A 229 2.62 30.11 -19.66
CA LYS A 229 2.82 31.28 -18.82
C LYS A 229 1.93 32.36 -19.40
N GLY A 230 1.58 33.36 -18.60
CA GLY A 230 0.69 34.42 -19.04
C GLY A 230 -0.76 34.13 -18.73
N GLY A 231 -1.67 34.84 -19.40
CA GLY A 231 -3.07 34.81 -19.06
C GLY A 231 -4.00 34.40 -20.18
N ASN A 232 -3.46 33.85 -21.26
CA ASN A 232 -4.29 33.42 -22.37
C ASN A 232 -4.88 32.04 -22.12
N VAL A 233 -5.85 31.98 -21.21
N VAL A 233 -5.85 31.98 -21.21
CA VAL A 233 -6.48 30.71 -20.87
CA VAL A 233 -6.64 30.45 -20.33
CA VAL A 233 -6.49 30.73 -20.86
C VAL A 233 -7.24 30.16 -22.06
C VAL A 233 -7.32 30.18 -22.01
N LYS A 234 -7.68 31.06 -22.95
CA LYS A 234 -8.43 30.64 -24.12
C LYS A 234 -7.52 29.84 -25.04
N ALA A 235 -6.29 30.31 -25.20
CA ALA A 235 -5.30 29.59 -25.99
C ALA A 235 -5.02 28.24 -25.33
N VAL A 236 -4.99 28.22 -24.00
CA VAL A 236 -4.70 27.01 -23.25
C VAL A 236 -5.79 25.98 -23.42
N PHE A 237 -7.04 26.45 -23.46
CA PHE A 237 -8.18 25.61 -23.65
C PHE A 237 -8.21 25.11 -25.10
N GLU A 238 -7.81 25.98 -26.02
CA GLU A 238 -7.86 25.65 -27.44
C GLU A 238 -6.96 24.47 -27.74
N ARG A 239 -5.77 24.51 -27.16
CA ARG A 239 -4.81 23.43 -27.35
CA ARG A 239 -4.79 23.43 -27.32
C ARG A 239 -5.30 22.20 -26.58
N PHE A 240 -5.85 22.44 -25.40
CA PHE A 240 -6.42 21.40 -24.57
C PHE A 240 -7.39 20.52 -25.37
N GLY A 241 -8.42 21.14 -25.94
CA GLY A 241 -9.44 20.41 -26.67
C GLY A 241 -8.92 19.88 -27.99
N ARG A 242 -8.05 20.64 -28.63
CA ARG A 242 -7.44 20.21 -29.88
C ARG A 242 -6.63 18.93 -29.64
N GLY A 243 -5.87 18.93 -28.56
CA GLY A 243 -5.05 17.79 -28.20
C GLY A 243 -5.88 16.57 -27.82
N LEU A 244 -6.92 16.79 -27.03
CA LEU A 244 -7.73 15.69 -26.55
C LEU A 244 -8.38 14.98 -27.74
N ASN A 245 -9.01 15.77 -28.60
CA ASN A 245 -9.71 15.23 -29.78
C ASN A 245 -8.74 14.53 -30.72
N ALA A 246 -7.53 15.08 -30.83
CA ALA A 246 -6.53 14.56 -31.75
C ALA A 246 -6.00 13.22 -31.27
N ILE A 247 -5.77 13.12 -29.96
CA ILE A 247 -5.31 11.90 -29.35
C ILE A 247 -6.34 10.81 -29.55
N ALA A 248 -7.61 11.19 -29.39
CA ALA A 248 -8.71 10.27 -29.55
C ALA A 248 -8.76 9.76 -31.00
N GLU A 249 -8.54 10.67 -31.95
CA GLU A 249 -8.69 10.31 -33.36
C GLU A 249 -7.65 9.26 -33.71
N GLN A 250 -6.44 9.46 -33.21
CA GLN A 250 -5.39 8.45 -33.37
C GLN A 250 -5.82 7.14 -32.72
N MET A 251 -6.45 7.26 -31.56
CA MET A 251 -6.86 6.10 -30.78
C MET A 251 -7.88 5.26 -31.53
N LYS A 252 -8.72 5.87 -32.35
CA LYS A 252 -9.74 5.13 -33.07
C LYS A 252 -9.15 4.29 -34.20
N LYS A 253 -7.96 4.65 -34.67
CA LYS A 253 -7.23 3.79 -35.59
C LYS A 253 -7.01 2.45 -34.92
N ASN A 254 -7.01 2.48 -33.60
CA ASN A 254 -6.69 1.32 -32.78
C ASN A 254 -7.93 0.81 -32.02
N GLY A 255 -9.11 1.13 -32.54
CA GLY A 255 -10.35 0.65 -31.98
C GLY A 255 -10.55 1.02 -30.52
N ARG A 256 -9.94 2.13 -30.13
CA ARG A 256 -9.98 2.57 -28.74
C ARG A 256 -10.71 3.90 -28.59
N GLU A 257 -11.20 4.18 -27.39
CA GLU A 257 -11.97 5.38 -27.14
C GLU A 257 -11.94 5.74 -25.66
N TYR A 258 -12.02 7.03 -25.36
CA TYR A 258 -12.11 7.46 -23.97
C TYR A 258 -13.35 6.84 -23.33
N MET A 259 -13.26 6.47 -22.06
CA MET A 259 -14.43 6.06 -21.30
C MET A 259 -15.31 7.28 -21.08
N TRP A 260 -16.56 7.18 -21.51
CA TRP A 260 -17.49 8.29 -21.40
C TRP A 260 -18.91 7.78 -21.52
N ASN A 261 -19.78 8.20 -20.62
CA ASN A 261 -21.19 7.94 -20.80
C ASN A 261 -22.01 9.19 -20.60
N GLN A 262 -23.24 9.15 -21.09
CA GLN A 262 -24.10 10.32 -21.17
C GLN A 262 -24.44 10.85 -19.78
N ARG A 263 -24.51 9.95 -18.80
CA ARG A 263 -24.90 10.35 -17.44
C ARG A 263 -23.76 11.03 -16.65
N LEU A 264 -22.56 10.47 -16.74
CA LEU A 264 -21.47 10.86 -15.87
C LEU A 264 -20.34 11.55 -16.61
N GLY A 265 -20.52 11.73 -17.92
CA GLY A 265 -19.47 12.30 -18.73
C GLY A 265 -18.27 11.39 -18.73
N TYR A 266 -17.09 11.98 -18.57
CA TYR A 266 -15.87 11.19 -18.61
C TYR A 266 -15.68 10.41 -17.34
N LEU A 267 -15.44 9.12 -17.50
CA LEU A 267 -15.32 8.22 -16.37
C LEU A 267 -13.88 8.15 -15.90
N CYS A 268 -13.71 8.20 -14.60
CA CYS A 268 -12.41 8.06 -13.97
C CYS A 268 -12.60 7.18 -12.74
N ALA A 269 -11.52 6.74 -12.11
CA ALA A 269 -11.64 5.81 -11.01
C ALA A 269 -12.23 6.51 -9.79
N CYS A 270 -11.82 7.74 -9.55
CA CYS A 270 -12.33 8.47 -8.40
C CYS A 270 -13.52 9.31 -8.80
N PRO A 271 -14.65 9.12 -8.11
CA PRO A 271 -15.91 9.81 -8.40
C PRO A 271 -15.77 11.33 -8.31
N SER A 272 -14.76 11.80 -7.59
CA SER A 272 -14.56 13.23 -7.43
C SER A 272 -14.27 13.87 -8.78
N ASN A 273 -13.73 13.09 -9.71
CA ASN A 273 -13.23 13.62 -10.96
C ASN A 273 -14.14 13.36 -12.14
N LEU A 274 -15.40 13.04 -11.88
CA LEU A 274 -16.32 12.69 -12.96
C LEU A 274 -16.78 13.91 -13.75
N GLY A 275 -17.50 13.66 -14.83
CA GLY A 275 -18.09 14.70 -15.64
C GLY A 275 -17.07 15.29 -16.58
N THR A 276 -16.38 16.34 -16.13
CA THR A 276 -15.27 16.93 -16.89
C THR A 276 -13.92 16.53 -16.33
N GLY A 277 -13.90 16.11 -15.07
CA GLY A 277 -12.64 15.95 -14.38
C GLY A 277 -11.74 17.13 -14.69
N LEU A 278 -12.34 18.29 -14.92
CA LEU A 278 -11.58 19.43 -15.42
C LEU A 278 -11.07 20.32 -14.30
N ARG A 279 -9.77 20.56 -14.31
CA ARG A 279 -9.16 21.51 -13.39
C ARG A 279 -8.53 22.62 -14.20
N ALA A 280 -9.27 23.71 -14.33
CA ALA A 280 -8.79 24.92 -14.96
C ALA A 280 -8.28 25.83 -13.86
N SER A 281 -7.06 26.30 -14.02
N SER A 281 -7.05 26.30 -14.01
CA SER A 281 -6.42 27.10 -12.99
CA SER A 281 -6.43 27.10 -12.97
C SER A 281 -5.63 28.24 -13.60
C SER A 281 -5.54 28.18 -13.55
N VAL A 282 -5.40 29.28 -12.82
CA VAL A 282 -4.42 30.28 -13.14
C VAL A 282 -3.57 30.46 -11.89
N HIS A 283 -2.37 30.99 -12.08
CA HIS A 283 -1.65 31.56 -10.96
C HIS A 283 -1.92 33.03 -11.04
N VAL A 284 -2.45 33.62 -9.98
CA VAL A 284 -2.80 35.04 -10.03
C VAL A 284 -2.35 35.78 -8.78
N GLN A 285 -1.70 36.92 -9.00
CA GLN A 285 -1.17 37.73 -7.92
C GLN A 285 -2.25 38.64 -7.34
N LEU A 286 -2.43 38.58 -6.02
CA LEU A 286 -3.47 39.31 -5.33
C LEU A 286 -2.91 39.93 -4.05
N HIS A 287 -2.05 40.92 -4.19
CA HIS A 287 -1.41 41.53 -3.04
C HIS A 287 -2.44 42.01 -2.02
N GLN A 288 -3.38 42.83 -2.49
CA GLN A 288 -4.30 43.52 -1.60
C GLN A 288 -5.46 42.64 -1.20
N LEU A 289 -5.97 41.87 -2.16
CA LEU A 289 -7.23 41.17 -1.96
C LEU A 289 -7.07 40.04 -0.97
N SER A 290 -5.89 39.45 -0.94
CA SER A 290 -5.60 38.35 -0.03
C SER A 290 -5.50 38.83 1.42
N LYS A 291 -5.34 40.14 1.60
CA LYS A 291 -5.34 40.72 2.93
C LYS A 291 -6.74 41.18 3.29
N HIS A 292 -7.66 41.11 2.33
CA HIS A 292 -9.03 41.55 2.57
C HIS A 292 -9.78 40.51 3.43
N PRO A 293 -10.50 41.00 4.45
CA PRO A 293 -11.26 40.16 5.38
C PRO A 293 -12.24 39.21 4.69
N LYS A 294 -12.72 39.56 3.50
CA LYS A 294 -13.72 38.75 2.82
C LYS A 294 -13.09 37.93 1.69
N PHE A 295 -11.78 37.78 1.73
CA PHE A 295 -11.04 37.12 0.66
C PHE A 295 -11.54 35.70 0.47
N GLU A 296 -11.60 34.94 1.57
CA GLU A 296 -12.03 33.55 1.54
C GLU A 296 -13.48 33.44 1.09
N ASP A 297 -14.28 34.34 1.61
CA ASP A 297 -15.69 34.41 1.25
C ASP A 297 -15.80 34.52 -0.27
N ILE A 298 -14.98 35.39 -0.84
CA ILE A 298 -15.07 35.76 -2.24
C ILE A 298 -14.75 34.57 -3.14
N VAL A 299 -13.67 33.88 -2.81
CA VAL A 299 -13.25 32.72 -3.57
C VAL A 299 -14.30 31.62 -3.55
N VAL A 300 -14.86 31.35 -2.37
CA VAL A 300 -15.91 30.33 -2.25
C VAL A 300 -17.12 30.77 -3.06
N ALA A 301 -17.52 32.03 -2.86
CA ALA A 301 -18.67 32.57 -3.56
C ALA A 301 -18.49 32.46 -5.07
N LEU A 302 -17.25 32.48 -5.54
CA LEU A 302 -16.98 32.42 -6.97
C LEU A 302 -16.91 30.99 -7.49
N GLN A 303 -17.18 30.04 -6.61
CA GLN A 303 -17.08 28.61 -6.95
C GLN A 303 -15.64 28.23 -7.30
N LEU A 304 -14.69 28.88 -6.62
CA LEU A 304 -13.30 28.64 -6.89
C LEU A 304 -12.60 28.01 -5.70
N GLN A 305 -11.51 27.31 -5.97
CA GLN A 305 -10.61 26.83 -4.94
C GLN A 305 -9.27 27.52 -5.06
N LYS A 306 -8.57 27.57 -3.92
CA LYS A 306 -7.40 28.39 -3.79
C LYS A 306 -6.33 27.63 -3.00
N ARG A 307 -5.10 27.77 -3.45
CA ARG A 307 -3.95 27.22 -2.74
C ARG A 307 -2.73 28.00 -3.18
N GLY A 308 -1.58 27.68 -2.60
CA GLY A 308 -0.35 28.34 -2.96
C GLY A 308 0.09 27.84 -4.32
N THR A 309 1.23 28.34 -4.78
CA THR A 309 1.69 28.03 -6.14
C THR A 309 2.31 26.65 -6.28
N GLY A 310 2.63 26.01 -5.16
CA GLY A 310 3.37 24.76 -5.19
C GLY A 310 2.57 23.50 -4.91
N GLY A 311 1.26 23.62 -4.91
CA GLY A 311 0.39 22.50 -4.59
C GLY A 311 -0.29 22.78 -3.27
N GLU A 312 -0.97 21.78 -2.70
CA GLU A 312 -1.63 21.96 -1.40
C GLU A 312 -0.61 22.30 -0.32
N HIS A 313 -1.04 23.11 0.64
CA HIS A 313 -0.23 23.40 1.82
C HIS A 313 1.10 24.02 1.45
N THR A 314 1.08 24.91 0.47
CA THR A 314 2.26 25.67 0.10
C THR A 314 1.95 27.16 0.13
N ALA A 315 2.99 27.96 0.24
CA ALA A 315 2.82 29.40 0.33
C ALA A 315 2.30 29.98 -0.98
N ALA A 316 1.57 31.08 -0.86
CA ALA A 316 1.25 31.91 -2.01
C ALA A 316 2.44 32.87 -2.16
N VAL A 317 3.49 32.37 -2.78
CA VAL A 317 4.70 33.14 -2.99
C VAL A 317 4.42 34.45 -3.70
N ASP A 318 4.71 35.56 -3.03
CA ASP A 318 4.50 36.87 -3.63
C ASP A 318 3.01 37.10 -3.88
N ASP A 319 2.18 36.52 -3.01
CA ASP A 319 0.75 36.67 -3.07
C ASP A 319 0.18 36.14 -4.38
N VAL A 320 0.86 35.17 -4.97
CA VAL A 320 0.35 34.48 -6.14
C VAL A 320 -0.37 33.20 -5.71
N TYR A 321 -1.66 33.14 -5.97
CA TYR A 321 -2.46 31.98 -5.61
C TYR A 321 -2.83 31.16 -6.83
N ASP A 322 -2.84 29.86 -6.65
CA ASP A 322 -3.41 28.98 -7.63
C ASP A 322 -4.91 28.97 -7.42
N ILE A 323 -5.64 29.42 -8.43
CA ILE A 323 -7.07 29.57 -8.36
C ILE A 323 -7.65 28.69 -9.46
N SER A 324 -8.63 27.89 -9.08
N SER A 324 -8.62 27.87 -9.09
CA SER A 324 -9.21 26.91 -9.99
CA SER A 324 -9.17 26.88 -9.99
C SER A 324 -10.71 26.82 -9.79
C SER A 324 -10.66 26.71 -9.74
N ASN A 325 -11.39 26.17 -10.72
CA ASN A 325 -12.78 25.86 -10.52
C ASN A 325 -12.85 24.77 -9.46
N ALA A 326 -13.88 24.84 -8.62
CA ALA A 326 -14.05 23.90 -7.52
C ALA A 326 -14.80 22.64 -7.96
N ALA A 327 -15.83 22.82 -8.77
CA ALA A 327 -16.69 21.72 -9.20
C ALA A 327 -16.13 20.99 -10.41
N ARG A 328 -16.76 19.86 -10.76
CA ARG A 328 -16.28 19.02 -11.86
C ARG A 328 -17.43 18.46 -12.67
N LEU A 329 -18.60 18.38 -12.04
CA LEU A 329 -19.84 17.96 -12.66
C LEU A 329 -20.74 19.18 -12.85
N LYS A 330 -21.71 19.03 -13.74
CA LYS A 330 -22.89 19.90 -13.86
C LYS A 330 -22.68 21.06 -14.84
N LYS A 331 -21.43 21.40 -15.07
CA LYS A 331 -21.05 22.35 -16.11
CA LYS A 331 -21.08 22.34 -16.12
C LYS A 331 -20.14 21.64 -17.09
N SER A 332 -20.14 22.09 -18.34
CA SER A 332 -19.25 21.51 -19.34
C SER A 332 -17.83 22.04 -19.14
N GLU A 333 -16.89 21.49 -19.90
CA GLU A 333 -15.48 21.88 -19.83
C GLU A 333 -15.33 23.35 -20.20
N ARG A 334 -16.01 23.75 -21.27
CA ARG A 334 -15.98 25.12 -21.74
C ARG A 334 -16.57 26.02 -20.66
N GLU A 335 -17.67 25.59 -20.05
CA GLU A 335 -18.31 26.40 -19.01
C GLU A 335 -17.44 26.59 -17.76
N PHE A 336 -16.69 25.56 -17.39
CA PHE A 336 -15.83 25.66 -16.22
C PHE A 336 -14.71 26.64 -16.45
N VAL A 337 -14.15 26.60 -17.66
CA VAL A 337 -13.15 27.58 -18.06
C VAL A 337 -13.75 28.98 -18.02
N GLN A 338 -15.01 29.12 -18.40
CA GLN A 338 -15.67 30.42 -18.40
C GLN A 338 -15.91 30.89 -16.97
N LEU A 339 -16.24 29.94 -16.10
CA LEU A 339 -16.45 30.21 -14.68
CA LEU A 339 -16.44 30.22 -14.69
C LEU A 339 -15.14 30.70 -14.05
N LEU A 340 -14.03 30.11 -14.47
CA LEU A 340 -12.72 30.52 -13.99
C LEU A 340 -12.38 31.91 -14.52
N ILE A 341 -12.60 32.09 -15.82
CA ILE A 341 -12.40 33.38 -16.43
C ILE A 341 -13.18 34.45 -15.66
N ASP A 342 -14.47 34.21 -15.41
CA ASP A 342 -15.31 35.21 -14.75
C ASP A 342 -14.86 35.46 -13.32
N GLY A 343 -14.52 34.40 -12.62
CA GLY A 343 -14.11 34.51 -11.24
C GLY A 343 -12.79 35.25 -11.12
N VAL A 344 -11.86 34.92 -12.01
CA VAL A 344 -10.52 35.47 -11.93
C VAL A 344 -10.53 36.95 -12.32
N LYS A 345 -11.33 37.27 -13.32
CA LYS A 345 -11.52 38.65 -13.73
C LYS A 345 -12.06 39.48 -12.57
N LYS A 346 -13.00 38.91 -11.81
CA LYS A 346 -13.56 39.62 -10.65
C LYS A 346 -12.51 39.82 -9.57
N LEU A 347 -11.72 38.79 -9.31
CA LEU A 347 -10.63 38.88 -8.35
C LEU A 347 -9.74 40.05 -8.71
N ILE A 348 -9.39 40.14 -9.99
CA ILE A 348 -8.55 41.22 -10.48
C ILE A 348 -9.23 42.58 -10.35
N ASP A 349 -10.53 42.66 -10.68
CA ASP A 349 -11.29 43.88 -10.51
C ASP A 349 -11.19 44.39 -9.07
N MET A 350 -11.26 43.46 -8.12
CA MET A 350 -11.21 43.82 -6.71
C MET A 350 -9.80 44.22 -6.34
N GLU A 351 -8.82 43.51 -6.90
CA GLU A 351 -7.43 43.81 -6.62
C GLU A 351 -7.14 45.25 -7.04
N GLN A 352 -7.56 45.61 -8.25
CA GLN A 352 -7.27 46.93 -8.80
C GLN A 352 -7.98 48.01 -7.99
N ALA A 353 -9.22 47.73 -7.63
CA ALA A 353 -10.00 48.61 -6.78
C ALA A 353 -9.25 48.94 -5.49
N LEU A 354 -8.69 47.92 -4.86
CA LEU A 354 -7.95 48.08 -3.60
C LEU A 354 -6.62 48.78 -3.83
N GLU A 355 -6.00 48.51 -4.98
CA GLU A 355 -4.76 49.18 -5.36
C GLU A 355 -5.00 50.68 -5.44
N ALA A 356 -6.21 51.06 -5.83
CA ALA A 356 -6.57 52.47 -5.98
C ALA A 356 -7.07 53.04 -4.65
N GLY A 357 -7.15 52.20 -3.63
CA GLY A 357 -7.58 52.62 -2.31
C GLY A 357 -9.09 52.70 -2.18
N LYS A 358 -9.80 51.89 -2.95
CA LYS A 358 -11.26 51.93 -2.98
C LYS A 358 -11.89 50.76 -2.23
N SER A 359 -13.16 50.88 -1.90
CA SER A 359 -13.91 49.81 -1.27
C SER A 359 -14.36 48.82 -2.33
N ILE A 360 -14.23 47.52 -2.04
CA ILE A 360 -14.72 46.50 -2.97
C ILE A 360 -16.07 45.96 -2.52
N ASP A 361 -16.71 46.67 -1.61
CA ASP A 361 -18.00 46.24 -1.08
C ASP A 361 -19.03 46.03 -2.20
N ASP A 362 -18.95 46.81 -3.26
N ASP A 362 -18.93 46.82 -3.25
CA ASP A 362 -19.92 46.71 -4.34
CA ASP A 362 -19.86 46.76 -4.37
C ASP A 362 -19.48 45.68 -5.40
C ASP A 362 -19.50 45.65 -5.36
N LEU A 363 -18.26 45.16 -5.27
CA LEU A 363 -17.77 44.14 -6.19
C LEU A 363 -17.89 42.74 -5.59
N ILE A 364 -17.82 42.66 -4.27
CA ILE A 364 -17.95 41.38 -3.58
C ILE A 364 -19.24 40.70 -4.02
N PRO A 365 -19.15 39.42 -4.42
CA PRO A 365 -20.39 38.69 -4.73
C PRO A 365 -21.33 38.73 -3.53
N ALA A 366 -22.53 39.26 -3.74
CA ALA A 366 -23.47 39.50 -2.65
C ALA A 366 -23.85 38.19 -1.95
N PHE B 3 -5.69 -6.77 -27.87
CA PHE B 3 -4.82 -6.96 -26.72
C PHE B 3 -5.20 -8.21 -25.94
N GLN B 4 -4.18 -8.97 -25.54
CA GLN B 4 -4.40 -10.20 -24.78
C GLN B 4 -3.83 -10.03 -23.38
N ASN B 5 -4.66 -10.28 -22.37
CA ASN B 5 -4.22 -10.24 -20.98
C ASN B 5 -3.56 -11.57 -20.62
N ASP B 6 -2.61 -12.01 -21.46
CA ASP B 6 -1.92 -13.28 -21.25
C ASP B 6 -0.60 -13.11 -20.51
N ALA B 7 0.15 -14.21 -20.39
CA ALA B 7 1.38 -14.23 -19.61
C ALA B 7 2.45 -13.28 -20.16
N LYS B 8 2.52 -13.19 -21.48
CA LYS B 8 3.50 -12.34 -22.15
C LYS B 8 3.25 -10.88 -21.78
N ALA B 9 1.97 -10.50 -21.77
CA ALA B 9 1.58 -9.12 -21.51
C ALA B 9 1.73 -8.75 -20.04
N ASN B 10 1.81 -9.77 -19.19
CA ASN B 10 1.77 -9.58 -17.74
C ASN B 10 3.06 -9.96 -17.03
N PHE B 11 3.98 -10.58 -17.76
CA PHE B 11 5.22 -11.04 -17.16
C PHE B 11 5.98 -9.87 -16.57
N PRO B 12 6.36 -9.96 -15.30
CA PRO B 12 7.05 -8.84 -14.64
C PRO B 12 8.35 -8.44 -15.31
N ASP B 13 8.69 -7.17 -15.16
CA ASP B 13 10.01 -6.66 -15.51
C ASP B 13 10.87 -6.61 -14.25
N TYR B 14 11.71 -7.62 -14.06
CA TYR B 14 12.52 -7.73 -12.86
C TYR B 14 13.90 -7.11 -13.06
N ALA B 15 14.03 -6.25 -14.06
CA ALA B 15 15.29 -5.54 -14.28
C ALA B 15 15.56 -4.68 -13.06
N ASN B 16 16.78 -4.74 -12.54
CA ASN B 16 17.17 -3.94 -11.39
C ASN B 16 16.44 -4.38 -10.13
N HIS B 17 15.95 -5.62 -10.14
CA HIS B 17 15.29 -6.21 -8.97
C HIS B 17 16.20 -7.25 -8.33
N GLY B 18 16.34 -7.17 -7.01
CA GLY B 18 17.17 -8.12 -6.28
C GLY B 18 16.35 -9.24 -5.64
N CYS B 19 15.04 -9.20 -5.83
CA CYS B 19 14.15 -10.19 -5.24
C CYS B 19 14.55 -11.61 -5.65
N VAL B 20 14.46 -12.53 -4.71
CA VAL B 20 14.76 -13.92 -4.97
C VAL B 20 13.89 -14.43 -6.11
N VAL B 21 12.66 -13.94 -6.15
CA VAL B 21 11.67 -14.43 -7.10
C VAL B 21 12.12 -14.27 -8.54
N GLY B 22 12.58 -13.07 -8.87
CA GLY B 22 12.98 -12.76 -10.24
C GLY B 22 14.10 -13.67 -10.71
N ARG B 23 14.88 -14.19 -9.77
CA ARG B 23 15.99 -15.08 -10.12
C ARG B 23 15.49 -16.45 -10.57
N HIS B 24 14.26 -16.78 -10.19
CA HIS B 24 13.69 -18.09 -10.47
C HIS B 24 12.45 -18.05 -11.36
N LEU B 25 11.68 -16.97 -11.28
CA LEU B 25 10.42 -16.87 -12.01
C LEU B 25 10.67 -16.39 -13.44
N ASN B 26 11.23 -17.27 -14.26
CA ASN B 26 11.43 -16.92 -15.66
C ASN B 26 10.09 -16.89 -16.36
N PHE B 27 10.08 -16.53 -17.64
CA PHE B 27 8.83 -16.37 -18.37
C PHE B 27 8.09 -17.70 -18.53
N GLU B 28 8.84 -18.76 -18.81
N GLU B 28 8.81 -18.77 -18.82
CA GLU B 28 8.29 -20.09 -19.01
CA GLU B 28 8.17 -20.06 -19.00
C GLU B 28 7.52 -20.55 -17.76
C GLU B 28 7.43 -20.45 -17.73
N MET B 29 8.07 -20.26 -16.59
CA MET B 29 7.46 -20.62 -15.32
C MET B 29 6.23 -19.75 -15.12
N TYR B 30 6.33 -18.47 -15.47
CA TYR B 30 5.22 -17.56 -15.27
C TYR B 30 4.05 -17.95 -16.15
N GLN B 31 4.33 -18.47 -17.34
CA GLN B 31 3.27 -18.88 -18.24
C GLN B 31 2.54 -20.07 -17.66
N ARG B 32 3.30 -21.03 -17.13
CA ARG B 32 2.73 -22.25 -16.57
C ARG B 32 1.85 -21.97 -15.36
N LEU B 33 2.17 -20.91 -14.63
CA LEU B 33 1.44 -20.57 -13.40
C LEU B 33 0.35 -19.54 -13.68
N PHE B 34 0.49 -18.82 -14.79
CA PHE B 34 -0.49 -17.82 -15.16
C PHE B 34 -1.86 -18.46 -15.37
N GLY B 35 -2.88 -17.90 -14.74
CA GLY B 35 -4.23 -18.38 -14.95
C GLY B 35 -4.66 -19.46 -13.96
N LYS B 36 -3.70 -20.04 -13.27
CA LYS B 36 -4.01 -20.94 -12.18
C LYS B 36 -4.44 -20.10 -11.00
N LYS B 37 -5.30 -20.63 -10.17
CA LYS B 37 -5.54 -20.03 -8.87
C LYS B 37 -5.88 -21.09 -7.86
N THR B 38 -5.72 -20.73 -6.59
CA THR B 38 -5.99 -21.65 -5.50
C THR B 38 -7.49 -21.70 -5.28
N ALA B 39 -7.89 -22.50 -4.31
CA ALA B 39 -9.30 -22.65 -3.98
C ALA B 39 -9.83 -21.35 -3.36
N HIS B 40 -8.93 -20.44 -3.02
CA HIS B 40 -9.32 -19.17 -2.42
C HIS B 40 -9.18 -18.01 -3.38
N GLY B 41 -8.89 -18.33 -4.64
CA GLY B 41 -8.72 -17.31 -5.65
C GLY B 41 -7.34 -16.69 -5.68
N VAL B 42 -6.39 -17.28 -4.97
CA VAL B 42 -5.04 -16.75 -4.97
C VAL B 42 -4.33 -17.11 -6.26
N THR B 43 -3.69 -16.12 -6.87
CA THR B 43 -3.04 -16.26 -8.17
C THR B 43 -1.53 -16.08 -8.05
N VAL B 44 -0.84 -16.35 -9.16
CA VAL B 44 0.61 -16.20 -9.22
C VAL B 44 1.00 -14.74 -9.11
N ASP B 45 0.23 -13.87 -9.74
CA ASP B 45 0.48 -12.44 -9.66
C ASP B 45 0.41 -12.01 -8.20
N LYS B 46 -0.58 -12.52 -7.47
CA LYS B 46 -0.73 -12.16 -6.06
C LYS B 46 0.51 -12.52 -5.23
N VAL B 47 0.93 -13.77 -5.28
CA VAL B 47 2.05 -14.23 -4.46
C VAL B 47 3.37 -13.58 -4.85
N ILE B 48 3.48 -13.09 -6.09
CA ILE B 48 4.73 -12.49 -6.54
C ILE B 48 4.73 -10.97 -6.43
N GLN B 49 3.58 -10.39 -6.12
CA GLN B 49 3.45 -8.94 -6.13
C GLN B 49 4.61 -8.24 -5.42
N PRO B 50 4.92 -8.65 -4.19
CA PRO B 50 5.94 -7.88 -3.46
C PRO B 50 7.28 -7.89 -4.19
N SER B 51 7.56 -8.95 -4.95
CA SER B 51 8.81 -9.05 -5.68
C SER B 51 8.89 -7.99 -6.77
N VAL B 52 7.73 -7.60 -7.29
CA VAL B 52 7.68 -6.66 -8.40
C VAL B 52 7.71 -5.23 -7.86
N ASP B 53 6.94 -4.97 -6.82
CA ASP B 53 6.90 -3.65 -6.19
C ASP B 53 8.28 -3.25 -5.60
N ASN B 54 8.91 -4.18 -4.90
CA ASN B 54 10.18 -3.90 -4.23
C ASN B 54 11.38 -4.27 -5.10
N PHE B 55 12.27 -3.31 -5.30
CA PHE B 55 13.44 -3.49 -6.14
C PHE B 55 14.63 -3.99 -5.33
N GLY B 56 14.53 -3.87 -4.01
CA GLY B 56 15.62 -4.22 -3.12
C GLY B 56 15.85 -5.71 -3.01
N ASN B 57 16.76 -6.09 -2.12
CA ASN B 57 17.03 -7.49 -1.85
C ASN B 57 16.05 -8.04 -0.83
N CYS B 58 15.21 -8.95 -1.31
CA CYS B 58 14.12 -9.52 -0.53
C CYS B 58 13.73 -10.81 -1.20
N ILE B 59 12.86 -11.59 -0.57
CA ILE B 59 12.36 -12.80 -1.22
C ILE B 59 11.35 -12.39 -2.29
N GLY B 60 10.28 -11.73 -1.88
CA GLY B 60 9.32 -11.16 -2.81
C GLY B 60 8.19 -12.11 -3.10
N LEU B 61 8.21 -13.26 -2.44
CA LEU B 61 7.17 -14.27 -2.59
C LEU B 61 6.37 -14.32 -1.31
N ILE B 62 5.05 -14.27 -1.42
CA ILE B 62 4.20 -14.41 -0.25
C ILE B 62 3.01 -15.27 -0.60
N ALA B 63 2.75 -16.26 0.25
CA ALA B 63 1.61 -17.14 0.09
C ALA B 63 0.34 -16.37 0.45
N GLY B 64 -0.66 -16.45 -0.41
CA GLY B 64 -1.97 -15.89 -0.11
C GLY B 64 -2.76 -16.83 0.77
N ASP B 65 -2.48 -18.12 0.62
CA ASP B 65 -3.14 -19.13 1.43
C ASP B 65 -2.25 -20.38 1.52
N GLU B 66 -2.70 -21.38 2.26
CA GLU B 66 -1.90 -22.58 2.41
C GLU B 66 -1.71 -23.25 1.06
N GLU B 67 -2.75 -23.22 0.24
CA GLU B 67 -2.74 -23.91 -1.05
C GLU B 67 -1.71 -23.29 -1.98
N SER B 68 -1.25 -22.09 -1.62
CA SER B 68 -0.33 -21.37 -2.49
C SER B 68 0.94 -22.19 -2.70
N TYR B 69 1.32 -22.96 -1.69
CA TYR B 69 2.56 -23.75 -1.75
C TYR B 69 2.47 -24.93 -2.71
N GLU B 70 1.28 -25.43 -2.94
CA GLU B 70 1.07 -26.56 -3.82
C GLU B 70 0.76 -26.08 -5.23
N VAL B 71 -0.16 -25.13 -5.34
CA VAL B 71 -0.52 -24.57 -6.63
C VAL B 71 0.65 -23.87 -7.31
N PHE B 72 1.47 -23.18 -6.53
CA PHE B 72 2.60 -22.47 -7.10
C PHE B 72 3.89 -23.09 -6.60
N LYS B 73 3.85 -24.40 -6.48
CA LYS B 73 4.92 -25.18 -5.86
C LYS B 73 6.29 -25.02 -6.53
N GLU B 74 6.36 -25.02 -7.86
CA GLU B 74 7.68 -24.97 -8.48
C GLU B 74 8.38 -23.65 -8.21
N LEU B 75 7.61 -22.56 -8.17
CA LEU B 75 8.14 -21.26 -7.79
C LEU B 75 8.50 -21.22 -6.31
N PHE B 76 7.53 -21.57 -5.45
CA PHE B 76 7.75 -21.61 -4.01
C PHE B 76 8.94 -22.50 -3.61
N ASP B 77 8.96 -23.73 -4.10
CA ASP B 77 10.06 -24.66 -3.87
C ASP B 77 11.40 -24.04 -4.26
N ALA B 78 11.45 -23.38 -5.41
CA ALA B 78 12.68 -22.75 -5.90
C ALA B 78 13.17 -21.71 -4.90
N VAL B 79 12.26 -20.83 -4.49
CA VAL B 79 12.60 -19.78 -3.54
C VAL B 79 12.95 -20.41 -2.20
N ILE B 80 12.27 -21.50 -1.86
CA ILE B 80 12.53 -22.16 -0.59
C ILE B 80 13.93 -22.75 -0.60
N ASN B 81 14.31 -23.34 -1.73
CA ASN B 81 15.60 -23.98 -1.90
C ASN B 81 16.72 -22.98 -1.66
N GLU B 82 16.59 -21.80 -2.25
CA GLU B 82 17.61 -20.77 -2.13
C GLU B 82 17.63 -20.13 -0.74
N LYS B 83 16.49 -19.60 -0.32
CA LYS B 83 16.42 -18.85 0.95
C LYS B 83 16.94 -19.69 2.11
N HIS B 84 16.57 -20.96 2.12
CA HIS B 84 16.92 -21.85 3.24
C HIS B 84 18.18 -22.66 2.94
N LYS B 85 18.92 -22.22 1.94
CA LYS B 85 20.30 -22.66 1.76
C LYS B 85 20.39 -24.17 1.55
N GLY B 86 19.59 -24.69 0.63
CA GLY B 86 19.59 -26.10 0.31
C GLY B 86 18.40 -26.85 0.89
N PHE B 87 17.22 -26.60 0.32
CA PHE B 87 16.03 -27.35 0.68
C PHE B 87 15.22 -27.66 -0.57
N GLY B 88 15.55 -28.77 -1.21
CA GLY B 88 14.94 -29.13 -2.48
C GLY B 88 13.59 -29.81 -2.32
N PRO B 89 12.96 -30.16 -3.46
CA PRO B 89 11.64 -30.80 -3.50
C PRO B 89 11.55 -32.12 -2.76
N ASN B 90 12.64 -32.89 -2.72
CA ASN B 90 12.65 -34.18 -2.04
C ASN B 90 13.12 -34.08 -0.60
N ASP B 91 13.37 -32.86 -0.13
CA ASP B 91 13.76 -32.64 1.26
C ASP B 91 12.52 -32.47 2.12
N SER B 92 12.61 -32.93 3.36
CA SER B 92 11.46 -32.92 4.25
C SER B 92 11.83 -32.36 5.62
N GLN B 93 10.94 -31.55 6.18
CA GLN B 93 11.14 -30.95 7.48
C GLN B 93 11.01 -32.01 8.56
N PRO B 94 11.92 -32.02 9.53
CA PRO B 94 11.75 -32.92 10.68
C PRO B 94 10.37 -32.80 11.31
N ALA B 95 9.88 -33.89 11.89
CA ALA B 95 8.63 -33.87 12.62
C ALA B 95 8.76 -32.85 13.74
N PRO B 96 7.69 -32.14 14.05
CA PRO B 96 7.89 -31.15 15.10
C PRO B 96 8.28 -31.82 16.40
N ASP B 97 8.98 -31.08 17.24
CA ASP B 97 9.36 -31.59 18.55
C ASP B 97 9.26 -30.46 19.55
N LEU B 98 8.23 -30.48 20.39
CA LEU B 98 8.02 -29.46 21.41
C LEU B 98 8.24 -30.00 22.82
N ASP B 99 9.04 -31.06 22.93
CA ASP B 99 9.29 -31.68 24.22
C ASP B 99 10.50 -31.04 24.91
N ALA B 100 10.22 -30.09 25.80
CA ALA B 100 11.26 -29.41 26.55
C ALA B 100 12.04 -30.34 27.48
N SER B 101 11.43 -31.44 27.89
CA SER B 101 12.09 -32.37 28.82
C SER B 101 13.32 -33.01 28.17
N LYS B 102 13.38 -32.97 26.85
CA LYS B 102 14.50 -33.54 26.12
C LYS B 102 15.65 -32.54 25.91
N LEU B 103 15.50 -31.34 26.44
CA LEU B 103 16.58 -30.35 26.37
C LEU B 103 17.70 -30.70 27.35
N VAL B 104 18.91 -30.24 27.05
CA VAL B 104 20.08 -30.51 27.88
C VAL B 104 20.71 -29.18 28.28
N GLY B 105 20.82 -28.96 29.59
CA GLY B 105 21.38 -27.73 30.11
C GLY B 105 20.62 -26.49 29.68
N GLY B 106 19.29 -26.54 29.81
CA GLY B 106 18.44 -25.43 29.40
C GLY B 106 18.30 -24.32 30.43
N GLN B 107 19.25 -24.23 31.36
CA GLN B 107 19.41 -23.05 32.23
C GLN B 107 20.75 -22.39 31.94
N PHE B 108 20.71 -21.16 31.42
CA PHE B 108 21.90 -20.39 31.12
C PHE B 108 22.36 -19.68 32.39
N ASP B 109 23.64 -19.34 32.42
CA ASP B 109 24.22 -18.58 33.52
C ASP B 109 23.65 -17.17 33.39
N GLU B 110 22.90 -16.75 34.41
CA GLU B 110 22.15 -15.51 34.33
C GLU B 110 23.04 -14.28 34.55
N LYS B 111 24.31 -14.50 34.87
CA LYS B 111 25.26 -13.41 34.90
C LYS B 111 25.52 -12.92 33.48
N TYR B 112 25.18 -13.77 32.50
CA TYR B 112 25.36 -13.47 31.09
C TYR B 112 24.03 -13.36 30.33
N VAL B 113 23.16 -14.36 30.45
CA VAL B 113 21.87 -14.30 29.77
C VAL B 113 20.83 -13.57 30.62
N LYS B 114 20.32 -12.46 30.09
CA LYS B 114 19.42 -11.58 30.83
C LYS B 114 17.95 -11.87 30.54
N SER B 115 17.70 -12.61 29.46
CA SER B 115 16.34 -12.95 29.09
C SER B 115 16.37 -14.01 27.99
N CYS B 116 15.25 -14.74 27.87
CA CYS B 116 15.09 -15.82 26.91
C CYS B 116 13.77 -15.59 26.21
N ARG B 117 13.67 -15.98 24.95
CA ARG B 117 12.51 -15.68 24.14
CA ARG B 117 12.47 -15.75 24.18
C ARG B 117 12.36 -16.73 23.02
N ILE B 118 11.16 -17.24 22.81
CA ILE B 118 10.94 -18.16 21.69
C ILE B 118 9.68 -17.78 20.95
N ARG B 119 9.83 -17.51 19.66
CA ARG B 119 8.75 -17.03 18.83
C ARG B 119 8.50 -18.03 17.70
N THR B 120 7.24 -18.20 17.35
CA THR B 120 6.85 -18.87 16.10
C THR B 120 5.54 -18.26 15.58
N GLY B 121 5.10 -18.72 14.42
CA GLY B 121 3.83 -18.29 13.89
C GLY B 121 3.02 -19.48 13.48
N ARG B 122 1.71 -19.35 13.51
CA ARG B 122 0.83 -20.40 13.03
C ARG B 122 -0.25 -19.80 12.17
N GLY B 123 -0.61 -20.54 11.12
CA GLY B 123 -1.77 -20.23 10.33
C GLY B 123 -2.89 -21.17 10.75
N ILE B 124 -4.11 -20.66 10.68
CA ILE B 124 -5.29 -21.43 10.97
C ILE B 124 -5.80 -21.97 9.63
N ARG B 125 -5.65 -23.26 9.43
CA ARG B 125 -5.98 -23.90 8.16
C ARG B 125 -7.42 -23.62 7.77
N GLY B 126 -7.64 -23.36 6.49
CA GLY B 126 -8.97 -23.11 5.97
C GLY B 126 -9.22 -21.64 5.75
N LEU B 127 -8.31 -20.83 6.26
CA LEU B 127 -8.41 -19.38 6.21
C LEU B 127 -7.18 -18.78 5.55
N CYS B 128 -7.41 -17.90 4.58
CA CYS B 128 -6.33 -17.24 3.86
C CYS B 128 -5.41 -16.49 4.80
N TYR B 129 -4.17 -16.35 4.34
CA TYR B 129 -3.18 -15.53 5.00
C TYR B 129 -3.48 -14.06 4.82
N PRO B 130 -2.87 -13.19 5.64
CA PRO B 130 -3.14 -11.76 5.59
C PRO B 130 -3.14 -11.13 4.19
N PRO B 131 -2.29 -11.62 3.26
CA PRO B 131 -2.33 -10.97 1.94
C PRO B 131 -3.64 -11.13 1.19
N SER B 132 -4.39 -12.19 1.48
CA SER B 132 -5.61 -12.51 0.72
C SER B 132 -6.85 -12.68 1.57
N CYS B 133 -6.68 -12.76 2.89
CA CYS B 133 -7.82 -13.04 3.75
C CYS B 133 -8.84 -11.92 3.59
N THR B 134 -10.12 -12.25 3.70
CA THR B 134 -11.15 -11.22 3.63
C THR B 134 -11.29 -10.71 5.05
N ARG B 135 -12.06 -9.64 5.24
CA ARG B 135 -12.30 -9.14 6.58
C ARG B 135 -12.93 -10.27 7.36
N GLY B 136 -13.74 -11.08 6.66
CA GLY B 136 -14.47 -12.15 7.29
C GLY B 136 -13.53 -13.24 7.78
N GLU B 137 -12.71 -13.75 6.87
CA GLU B 137 -11.67 -14.71 7.22
C GLU B 137 -10.82 -14.23 8.39
N ARG B 138 -10.33 -12.99 8.30
CA ARG B 138 -9.47 -12.42 9.34
C ARG B 138 -10.21 -12.40 10.68
N ARG B 139 -11.48 -12.02 10.64
CA ARG B 139 -12.32 -12.03 11.84
C ARG B 139 -12.55 -13.43 12.38
N GLU B 140 -12.67 -14.42 11.49
CA GLU B 140 -12.82 -15.80 11.92
C GLU B 140 -11.52 -16.26 12.58
N VAL B 141 -10.39 -15.82 12.02
CA VAL B 141 -9.11 -16.17 12.56
C VAL B 141 -9.04 -15.66 14.00
N GLU B 142 -9.52 -14.45 14.22
CA GLU B 142 -9.43 -13.86 15.54
C GLU B 142 -10.31 -14.61 16.51
N ARG B 143 -11.52 -14.96 16.06
CA ARG B 143 -12.45 -15.70 16.89
C ARG B 143 -11.86 -17.03 17.29
N VAL B 144 -11.48 -17.83 16.30
CA VAL B 144 -10.88 -19.13 16.55
C VAL B 144 -9.78 -19.00 17.58
N ILE B 145 -8.84 -18.09 17.38
CA ILE B 145 -7.72 -17.99 18.30
C ILE B 145 -8.12 -17.46 19.67
N THR B 146 -8.92 -16.40 19.71
CA THR B 146 -9.29 -15.80 20.99
C THR B 146 -10.13 -16.75 21.82
N THR B 147 -10.99 -17.52 21.18
CA THR B 147 -11.81 -18.48 21.93
C THR B 147 -10.93 -19.58 22.50
N ALA B 148 -9.91 -19.99 21.73
CA ALA B 148 -8.98 -21.01 22.19
C ALA B 148 -8.18 -20.49 23.39
N LEU B 149 -7.66 -19.27 23.28
CA LEU B 149 -6.87 -18.66 24.33
C LEU B 149 -7.67 -18.53 25.63
N ALA B 150 -8.95 -18.26 25.50
CA ALA B 150 -9.84 -18.12 26.64
C ALA B 150 -10.00 -19.43 27.41
N GLY B 151 -9.76 -20.56 26.76
CA GLY B 151 -9.82 -21.85 27.42
C GLY B 151 -8.52 -22.26 28.10
N LEU B 152 -7.51 -21.41 28.02
CA LEU B 152 -6.22 -21.66 28.65
C LEU B 152 -6.27 -21.21 30.10
N SER B 153 -5.57 -21.95 30.97
CA SER B 153 -5.53 -21.62 32.40
C SER B 153 -4.12 -21.85 32.98
N GLY B 154 -4.05 -21.92 34.30
CA GLY B 154 -2.77 -22.08 34.98
C GLY B 154 -1.91 -20.88 34.64
N ASP B 155 -0.63 -21.11 34.37
CA ASP B 155 0.27 -20.02 34.03
C ASP B 155 -0.10 -19.37 32.67
N LEU B 156 -0.94 -20.03 31.89
CA LEU B 156 -1.41 -19.45 30.62
C LEU B 156 -2.75 -18.71 30.76
N SER B 157 -3.18 -18.47 31.99
CA SER B 157 -4.36 -17.64 32.23
C SER B 157 -4.05 -16.27 31.68
N GLY B 158 -4.96 -15.68 30.92
CA GLY B 158 -4.65 -14.43 30.27
C GLY B 158 -5.83 -13.61 29.81
N THR B 159 -5.50 -12.59 29.04
CA THR B 159 -6.44 -11.55 28.66
C THR B 159 -6.17 -11.11 27.23
N TYR B 160 -7.25 -10.88 26.50
CA TYR B 160 -7.17 -10.42 25.13
C TYR B 160 -7.52 -8.94 25.06
N TYR B 161 -6.65 -8.19 24.39
CA TYR B 161 -6.82 -6.76 24.17
C TYR B 161 -6.95 -6.48 22.67
N PRO B 162 -8.18 -6.46 22.17
CA PRO B 162 -8.37 -6.07 20.77
C PRO B 162 -7.74 -4.72 20.51
N LEU B 163 -7.06 -4.57 19.37
CA LEU B 163 -6.58 -3.26 18.96
C LEU B 163 -7.76 -2.30 18.80
N SER B 164 -8.87 -2.83 18.29
CA SER B 164 -10.08 -2.04 18.01
C SER B 164 -10.70 -1.39 19.25
N LYS B 165 -10.41 -1.93 20.43
CA LYS B 165 -11.02 -1.44 21.66
C LYS B 165 -9.99 -0.87 22.62
N MET B 166 -8.76 -0.75 22.13
CA MET B 166 -7.63 -0.31 22.93
C MET B 166 -7.82 1.08 23.53
N THR B 167 -7.83 1.16 24.86
CA THR B 167 -7.83 2.44 25.55
C THR B 167 -6.38 2.91 25.64
N PRO B 168 -6.17 4.22 25.81
CA PRO B 168 -4.82 4.74 26.01
C PRO B 168 -4.10 4.09 27.19
N GLU B 169 -4.83 3.82 28.27
CA GLU B 169 -4.26 3.15 29.45
C GLU B 169 -3.70 1.78 29.10
N GLN B 170 -4.51 0.96 28.44
CA GLN B 170 -4.09 -0.37 27.98
C GLN B 170 -2.88 -0.25 27.06
N GLU B 171 -2.96 0.73 26.16
CA GLU B 171 -1.96 0.93 25.12
C GLU B 171 -0.59 1.22 25.71
N ASN B 172 -0.55 2.05 26.74
CA ASN B 172 0.70 2.46 27.34
C ASN B 172 1.30 1.35 28.20
N GLN B 173 0.44 0.58 28.85
CA GLN B 173 0.90 -0.57 29.61
C GLN B 173 1.52 -1.60 28.66
N LEU B 174 0.90 -1.79 27.50
CA LEU B 174 1.41 -2.74 26.51
C LEU B 174 2.74 -2.27 25.95
N ILE B 175 2.83 -0.97 25.71
CA ILE B 175 4.07 -0.37 25.26
C ILE B 175 5.15 -0.63 26.31
N ALA B 176 4.81 -0.40 27.57
CA ALA B 176 5.72 -0.62 28.68
C ALA B 176 6.26 -2.05 28.65
N ASP B 177 5.40 -3.00 28.32
CA ASP B 177 5.78 -4.41 28.37
C ASP B 177 6.39 -4.88 27.06
N HIS B 178 6.41 -4.03 26.04
CA HIS B 178 6.95 -4.40 24.74
C HIS B 178 6.06 -5.48 24.14
N PHE B 179 4.75 -5.32 24.35
CA PHE B 179 3.73 -6.27 23.91
C PHE B 179 2.93 -5.71 22.73
N LEU B 180 2.92 -4.38 22.61
CA LEU B 180 2.09 -3.73 21.60
C LEU B 180 2.64 -3.94 20.20
N PHE B 181 1.75 -3.97 19.23
CA PHE B 181 2.18 -3.85 17.84
C PHE B 181 1.28 -2.87 17.12
N GLN B 182 1.82 -2.27 16.07
CA GLN B 182 1.12 -1.24 15.32
C GLN B 182 0.97 -1.66 13.87
N LYS B 183 0.33 -0.80 13.09
CA LYS B 183 0.15 -1.07 11.67
C LYS B 183 1.53 -1.21 11.02
N PRO B 184 1.81 -2.39 10.46
CA PRO B 184 3.04 -2.60 9.70
C PRO B 184 3.20 -1.59 8.58
N THR B 185 4.43 -1.13 8.38
CA THR B 185 4.72 -0.15 7.36
C THR B 185 5.77 -0.70 6.40
N GLY B 186 6.31 -1.88 6.74
CA GLY B 186 7.30 -2.55 5.92
C GLY B 186 6.78 -2.92 4.54
N HIS B 187 7.69 -3.06 3.58
CA HIS B 187 7.31 -3.29 2.19
C HIS B 187 6.54 -4.59 1.98
N LEU B 188 7.06 -5.70 2.51
CA LEU B 188 6.40 -6.99 2.27
C LEU B 188 4.96 -6.96 2.74
N MET B 189 4.70 -6.32 3.88
CA MET B 189 3.38 -6.35 4.47
C MET B 189 2.43 -5.39 3.76
N VAL B 190 2.94 -4.21 3.41
CA VAL B 190 2.16 -3.21 2.68
C VAL B 190 1.86 -3.67 1.25
N ASN B 191 2.89 -4.14 0.54
CA ASN B 191 2.75 -4.51 -0.87
C ASN B 191 2.04 -5.83 -1.12
N SER B 192 2.00 -6.67 -0.09
CA SER B 192 1.23 -7.92 -0.16
C SER B 192 -0.24 -7.68 0.22
N ALA B 193 -0.59 -6.42 0.50
CA ALA B 193 -1.93 -6.08 0.97
C ALA B 193 -2.27 -6.74 2.31
N SER B 194 -1.25 -6.96 3.14
CA SER B 194 -1.43 -7.70 4.38
C SER B 194 -1.86 -6.84 5.56
N VAL B 195 -1.92 -5.52 5.40
N VAL B 195 -1.92 -5.54 5.35
CA VAL B 195 -2.34 -4.65 6.50
CA VAL B 195 -2.29 -4.59 6.40
C VAL B 195 -3.68 -3.99 6.23
C VAL B 195 -3.63 -3.94 6.12
N ARG B 196 -4.50 -4.66 5.42
CA ARG B 196 -5.82 -4.13 5.07
C ARG B 196 -6.75 -4.08 6.28
N ASP B 197 -7.62 -3.09 6.26
CA ASP B 197 -8.72 -2.99 7.21
C ASP B 197 -8.21 -2.87 8.64
N TRP B 198 -7.02 -2.30 8.81
CA TRP B 198 -6.43 -2.10 10.13
C TRP B 198 -7.29 -1.19 10.98
N PRO B 199 -7.43 -1.49 12.29
CA PRO B 199 -6.90 -2.58 13.12
C PRO B 199 -7.92 -3.70 13.31
N ASP B 200 -8.80 -3.85 12.33
CA ASP B 200 -9.89 -4.81 12.43
C ASP B 200 -9.41 -6.25 12.62
N ALA B 201 -9.92 -6.89 13.66
CA ALA B 201 -9.63 -8.29 13.94
C ALA B 201 -8.17 -8.50 14.35
N ARG B 202 -7.52 -7.42 14.73
CA ARG B 202 -6.17 -7.49 15.27
C ARG B 202 -6.23 -7.36 16.78
N GLY B 203 -5.31 -8.01 17.48
CA GLY B 203 -5.26 -7.88 18.91
C GLY B 203 -4.07 -8.55 19.57
N ILE B 204 -3.96 -8.32 20.87
CA ILE B 204 -2.82 -8.76 21.65
C ILE B 204 -3.32 -9.49 22.87
N TRP B 205 -2.83 -10.69 23.07
CA TRP B 205 -3.22 -11.48 24.21
C TRP B 205 -1.97 -11.78 24.99
N HIS B 206 -2.05 -11.72 26.31
CA HIS B 206 -0.92 -12.12 27.12
C HIS B 206 -1.40 -12.70 28.44
N ASN B 207 -0.62 -13.65 28.97
CA ASN B 207 -0.95 -14.24 30.24
C ASN B 207 -0.66 -13.27 31.38
N ASN B 208 -1.19 -13.59 32.55
CA ASN B 208 -1.11 -12.69 33.69
C ASN B 208 0.32 -12.45 34.12
N GLU B 209 1.16 -13.48 34.01
CA GLU B 209 2.55 -13.36 34.45
C GLU B 209 3.42 -12.76 33.32
N LYS B 210 2.79 -12.49 32.19
CA LYS B 210 3.46 -11.83 31.08
C LYS B 210 4.70 -12.58 30.64
N THR B 211 4.55 -13.88 30.43
CA THR B 211 5.62 -14.72 29.92
C THR B 211 5.17 -15.38 28.63
N PHE B 212 3.96 -15.06 28.21
CA PHE B 212 3.37 -15.62 27.01
C PHE B 212 2.55 -14.54 26.33
N LEU B 213 2.84 -14.31 25.06
CA LEU B 213 2.27 -13.20 24.32
C LEU B 213 1.84 -13.70 22.96
N ILE B 214 0.59 -13.42 22.62
CA ILE B 214 0.07 -13.81 21.33
C ILE B 214 -0.32 -12.57 20.57
N TRP B 215 0.13 -12.50 19.33
CA TRP B 215 -0.34 -11.47 18.43
C TRP B 215 -1.23 -12.12 17.42
N ILE B 216 -2.40 -11.52 17.25
CA ILE B 216 -3.38 -12.01 16.30
C ILE B 216 -3.46 -11.09 15.08
N ASN B 217 -3.26 -11.69 13.92
CA ASN B 217 -3.49 -11.03 12.66
C ASN B 217 -2.59 -9.83 12.38
N GLU B 218 -1.37 -9.87 12.90
CA GLU B 218 -0.38 -8.89 12.50
C GLU B 218 0.24 -9.40 11.19
N GLU B 219 1.37 -10.09 11.25
CA GLU B 219 1.98 -10.67 10.05
C GLU B 219 1.48 -12.08 9.78
N ASP B 220 1.27 -12.83 10.85
CA ASP B 220 0.73 -14.17 10.75
C ASP B 220 -0.65 -14.18 11.41
N HIS B 221 -1.41 -15.25 11.19
CA HIS B 221 -2.66 -15.42 11.88
C HIS B 221 -2.42 -15.34 13.38
N MET B 222 -1.46 -16.13 13.86
CA MET B 222 -1.11 -16.16 15.28
C MET B 222 0.40 -16.17 15.44
N ARG B 223 0.92 -15.14 16.09
CA ARG B 223 2.33 -15.08 16.44
C ARG B 223 2.38 -15.40 17.93
N VAL B 224 3.26 -16.32 18.30
CA VAL B 224 3.32 -16.82 19.66
C VAL B 224 4.71 -16.61 20.22
N ILE B 225 4.78 -15.95 21.37
CA ILE B 225 6.07 -15.64 21.96
C ILE B 225 6.08 -16.03 23.43
N SER B 226 6.97 -16.95 23.77
CA SER B 226 7.24 -17.31 25.15
C SER B 226 8.48 -16.55 25.57
N MET B 227 8.43 -15.93 26.73
CA MET B 227 9.57 -15.17 27.21
C MET B 227 9.69 -15.19 28.74
N GLN B 228 10.92 -15.12 29.23
CA GLN B 228 11.19 -14.93 30.65
C GLN B 228 12.44 -14.08 30.81
N LYS B 229 12.50 -13.27 31.88
CA LYS B 229 13.75 -12.70 32.32
C LYS B 229 14.59 -13.85 32.85
N GLY B 230 15.91 -13.72 32.79
CA GLY B 230 16.80 -14.76 33.27
C GLY B 230 17.16 -15.70 32.13
N GLY B 231 17.70 -16.86 32.46
CA GLY B 231 18.22 -17.76 31.44
C GLY B 231 17.60 -19.14 31.41
N ASN B 232 16.35 -19.29 31.84
CA ASN B 232 15.71 -20.60 31.83
C ASN B 232 15.01 -20.83 30.49
N VAL B 233 15.82 -21.02 29.45
CA VAL B 233 15.27 -21.21 28.13
C VAL B 233 14.42 -22.48 28.13
N LYS B 234 14.73 -23.40 29.04
CA LYS B 234 13.97 -24.63 29.11
C LYS B 234 12.55 -24.30 29.52
N ALA B 235 12.41 -23.46 30.55
CA ALA B 235 11.10 -23.08 31.06
C ALA B 235 10.32 -22.31 30.00
N VAL B 236 11.03 -21.45 29.27
CA VAL B 236 10.43 -20.72 28.15
C VAL B 236 9.97 -21.71 27.06
N PHE B 237 10.80 -22.68 26.73
CA PHE B 237 10.42 -23.65 25.71
C PHE B 237 9.28 -24.52 26.22
N GLU B 238 9.32 -24.85 27.51
CA GLU B 238 8.26 -25.65 28.11
C GLU B 238 6.92 -24.96 27.98
N ARG B 239 6.87 -23.67 28.32
CA ARG B 239 5.64 -22.90 28.24
C ARG B 239 5.22 -22.67 26.78
N PHE B 240 6.21 -22.49 25.91
CA PHE B 240 6.03 -22.33 24.47
C PHE B 240 5.26 -23.52 23.86
N GLY B 241 5.82 -24.71 23.97
CA GLY B 241 5.23 -25.88 23.36
C GLY B 241 3.92 -26.27 24.00
N ARG B 242 3.83 -26.11 25.32
CA ARG B 242 2.60 -26.41 26.03
C ARG B 242 1.48 -25.46 25.62
N GLY B 243 1.82 -24.21 25.37
CA GLY B 243 0.84 -23.25 24.91
C GLY B 243 0.40 -23.56 23.49
N LEU B 244 1.36 -23.81 22.61
CA LEU B 244 1.04 -24.15 21.23
C LEU B 244 0.09 -25.33 21.17
N ASN B 245 0.43 -26.38 21.91
CA ASN B 245 -0.37 -27.60 21.95
C ASN B 245 -1.74 -27.42 22.59
N ALA B 246 -1.79 -26.55 23.60
CA ALA B 246 -3.01 -26.29 24.35
C ALA B 246 -4.00 -25.51 23.51
N ILE B 247 -3.48 -24.52 22.78
CA ILE B 247 -4.31 -23.74 21.89
C ILE B 247 -4.80 -24.63 20.76
N ALA B 248 -3.92 -25.47 20.24
CA ALA B 248 -4.31 -26.42 19.19
C ALA B 248 -5.45 -27.33 19.68
N GLU B 249 -5.36 -27.80 20.91
CA GLU B 249 -6.42 -28.63 21.47
C GLU B 249 -7.73 -27.85 21.59
N GLN B 250 -7.66 -26.63 22.09
CA GLN B 250 -8.86 -25.80 22.18
C GLN B 250 -9.42 -25.55 20.79
N MET B 251 -8.56 -25.45 19.79
CA MET B 251 -8.99 -25.19 18.42
C MET B 251 -9.80 -26.33 17.82
N LYS B 252 -9.67 -27.54 18.37
CA LYS B 252 -10.48 -28.68 17.91
C LYS B 252 -11.96 -28.44 18.19
N LYS B 253 -12.23 -27.54 19.13
CA LYS B 253 -13.60 -27.17 19.45
C LYS B 253 -14.24 -26.43 18.28
N ASN B 254 -13.42 -25.79 17.45
CA ASN B 254 -13.88 -25.15 16.23
C ASN B 254 -13.51 -25.90 14.97
N GLY B 255 -13.16 -27.18 15.10
CA GLY B 255 -12.81 -28.00 13.94
C GLY B 255 -11.58 -27.48 13.24
N ARG B 256 -10.78 -26.70 13.96
CA ARG B 256 -9.64 -26.02 13.39
C ARG B 256 -8.32 -26.66 13.82
N GLU B 257 -7.29 -26.41 13.03
CA GLU B 257 -5.95 -26.89 13.31
C GLU B 257 -4.95 -25.98 12.61
N TYR B 258 -3.69 -26.13 12.98
CA TYR B 258 -2.62 -25.37 12.37
C TYR B 258 -2.32 -25.85 10.95
N MET B 259 -1.92 -24.92 10.09
CA MET B 259 -1.42 -25.31 8.78
C MET B 259 -0.06 -25.97 8.96
N TRP B 260 0.02 -27.21 8.53
CA TRP B 260 1.24 -27.96 8.69
C TRP B 260 1.23 -29.07 7.65
N ASN B 261 2.39 -29.37 7.08
CA ASN B 261 2.55 -30.60 6.31
C ASN B 261 3.94 -31.18 6.51
N GLN B 262 4.14 -32.41 6.05
CA GLN B 262 5.32 -33.17 6.41
C GLN B 262 6.58 -32.60 5.77
N ARG B 263 6.42 -31.97 4.62
CA ARG B 263 7.57 -31.46 3.87
C ARG B 263 8.06 -30.12 4.41
N LEU B 264 7.14 -29.17 4.57
CA LEU B 264 7.51 -27.81 4.92
C LEU B 264 7.25 -27.49 6.39
N GLY B 265 6.65 -28.42 7.12
CA GLY B 265 6.29 -28.19 8.50
C GLY B 265 5.19 -27.16 8.61
N TYR B 266 5.25 -26.29 9.62
CA TYR B 266 4.19 -25.29 9.80
C TYR B 266 4.32 -24.23 8.72
N LEU B 267 3.22 -23.95 8.04
CA LEU B 267 3.22 -23.00 6.96
C LEU B 267 2.75 -21.62 7.40
N CYS B 268 3.48 -20.62 6.92
CA CYS B 268 3.18 -19.22 7.14
CA CYS B 268 3.07 -19.25 7.12
C CYS B 268 3.18 -18.53 5.79
N ALA B 269 2.71 -17.30 5.73
CA ALA B 269 2.67 -16.57 4.47
C ALA B 269 4.06 -16.45 3.84
N CYS B 270 5.03 -15.95 4.60
CA CYS B 270 6.38 -15.75 4.09
C CYS B 270 7.19 -17.03 4.21
N PRO B 271 7.67 -17.55 3.07
CA PRO B 271 8.45 -18.79 3.02
C PRO B 271 9.73 -18.76 3.87
N SER B 272 10.18 -17.57 4.24
CA SER B 272 11.28 -17.41 5.18
C SER B 272 11.01 -18.13 6.50
N ASN B 273 9.75 -18.22 6.87
CA ASN B 273 9.37 -18.65 8.21
C ASN B 273 8.79 -20.07 8.24
N LEU B 274 9.13 -20.88 7.25
CA LEU B 274 8.60 -22.24 7.16
C LEU B 274 9.26 -23.21 8.15
N GLY B 275 8.73 -24.43 8.20
CA GLY B 275 9.32 -25.51 8.98
C GLY B 275 8.95 -25.47 10.43
N THR B 276 9.70 -24.68 11.18
CA THR B 276 9.42 -24.45 12.58
C THR B 276 8.96 -23.02 12.72
N GLY B 277 9.45 -22.15 11.83
CA GLY B 277 9.20 -20.72 11.94
C GLY B 277 9.63 -20.26 13.33
N LEU B 278 10.61 -20.96 13.88
CA LEU B 278 10.98 -20.74 15.27
C LEU B 278 12.20 -19.84 15.37
N ARG B 279 12.08 -18.85 16.22
CA ARG B 279 13.19 -17.99 16.53
C ARG B 279 13.34 -18.03 18.03
N ALA B 280 14.26 -18.86 18.49
CA ALA B 280 14.66 -18.89 19.89
C ALA B 280 15.82 -17.94 20.03
N SER B 281 15.83 -17.17 21.12
CA SER B 281 16.85 -16.16 21.29
C SER B 281 17.09 -15.83 22.76
N VAL B 282 18.28 -15.29 23.01
CA VAL B 282 18.63 -14.80 24.32
C VAL B 282 19.06 -13.35 24.16
N HIS B 283 18.95 -12.61 25.24
CA HIS B 283 19.69 -11.38 25.39
C HIS B 283 20.84 -11.78 26.28
N VAL B 284 22.07 -11.69 25.78
CA VAL B 284 23.21 -12.18 26.53
C VAL B 284 24.31 -11.13 26.51
N GLN B 285 24.88 -10.91 27.69
CA GLN B 285 25.95 -9.94 27.85
C GLN B 285 27.28 -10.61 27.56
N LEU B 286 27.98 -10.10 26.57
CA LEU B 286 29.30 -10.60 26.22
C LEU B 286 30.28 -9.42 26.10
N HIS B 287 30.73 -8.90 27.23
CA HIS B 287 31.56 -7.71 27.25
C HIS B 287 32.82 -7.83 26.38
N GLN B 288 33.62 -8.86 26.63
CA GLN B 288 34.89 -9.05 25.94
C GLN B 288 34.70 -9.61 24.54
N LEU B 289 33.82 -10.58 24.39
CA LEU B 289 33.64 -11.24 23.11
C LEU B 289 33.13 -10.26 22.05
N SER B 290 32.44 -9.21 22.50
CA SER B 290 31.87 -8.22 21.59
C SER B 290 32.97 -7.31 21.03
N LYS B 291 34.16 -7.40 21.62
CA LYS B 291 35.32 -6.63 21.16
C LYS B 291 36.22 -7.50 20.28
N HIS B 292 35.98 -8.80 20.32
CA HIS B 292 36.79 -9.74 19.56
CA HIS B 292 36.79 -9.75 19.55
C HIS B 292 36.55 -9.59 18.07
N PRO B 293 37.60 -9.69 17.25
CA PRO B 293 37.48 -9.48 15.81
C PRO B 293 36.73 -10.59 15.05
N LYS B 294 36.39 -11.66 15.74
CA LYS B 294 35.72 -12.79 15.11
C LYS B 294 34.28 -12.95 15.61
N PHE B 295 33.83 -12.02 16.45
CA PHE B 295 32.52 -12.12 17.08
C PHE B 295 31.41 -12.50 16.11
N GLU B 296 31.26 -11.71 15.04
N GLU B 296 31.28 -11.70 15.05
CA GLU B 296 30.22 -11.99 14.06
CA GLU B 296 30.27 -11.95 14.03
C GLU B 296 30.47 -13.34 13.39
C GLU B 296 30.48 -13.33 13.43
N ASP B 297 31.73 -13.63 13.11
CA ASP B 297 32.09 -14.89 12.45
C ASP B 297 31.82 -16.11 13.34
N ILE B 298 31.89 -15.92 14.65
CA ILE B 298 31.65 -17.02 15.57
C ILE B 298 30.16 -17.29 15.61
N VAL B 299 29.39 -16.22 15.73
CA VAL B 299 27.94 -16.32 15.84
C VAL B 299 27.38 -17.09 14.64
N VAL B 300 27.80 -16.74 13.45
CA VAL B 300 27.29 -17.41 12.26
C VAL B 300 27.79 -18.84 12.17
N ALA B 301 29.00 -19.09 12.67
CA ALA B 301 29.55 -20.43 12.68
C ALA B 301 28.75 -21.34 13.60
N LEU B 302 28.14 -20.75 14.63
CA LEU B 302 27.31 -21.48 15.57
CA LEU B 302 27.31 -21.49 15.55
C LEU B 302 25.89 -21.63 15.02
N GLN B 303 25.69 -21.19 13.78
CA GLN B 303 24.37 -21.19 13.14
C GLN B 303 23.42 -20.28 13.88
N LEU B 304 23.97 -19.24 14.49
CA LEU B 304 23.15 -18.28 15.21
C LEU B 304 23.10 -16.98 14.41
N GLN B 305 22.44 -15.96 14.96
CA GLN B 305 22.33 -14.65 14.34
C GLN B 305 22.29 -13.62 15.46
N LYS B 306 23.03 -12.52 15.26
CA LYS B 306 23.20 -11.53 16.31
C LYS B 306 22.62 -10.18 15.94
N ARG B 307 22.07 -9.48 16.93
CA ARG B 307 21.68 -8.09 16.75
C ARG B 307 21.58 -7.38 18.09
N GLY B 308 21.36 -6.07 18.05
CA GLY B 308 21.18 -5.29 19.27
C GLY B 308 19.87 -5.64 19.92
N THR B 309 19.67 -5.18 21.16
CA THR B 309 18.43 -5.46 21.88
C THR B 309 17.31 -4.51 21.43
N GLY B 310 17.65 -3.55 20.59
CA GLY B 310 16.68 -2.61 20.07
C GLY B 310 16.13 -3.06 18.73
N GLY B 311 16.24 -4.35 18.45
CA GLY B 311 15.81 -4.89 17.17
C GLY B 311 16.92 -4.81 16.14
N GLU B 312 16.55 -4.68 14.88
CA GLU B 312 17.52 -4.68 13.79
C GLU B 312 18.51 -3.51 13.85
N HIS B 313 19.79 -3.85 13.76
CA HIS B 313 20.88 -2.89 13.72
C HIS B 313 20.68 -1.65 14.59
N THR B 314 20.36 -1.88 15.86
CA THR B 314 20.51 -0.85 16.88
C THR B 314 21.81 -1.16 17.60
N ALA B 315 22.48 -0.14 18.09
CA ALA B 315 23.67 -0.37 18.89
C ALA B 315 23.28 -1.30 20.03
N ALA B 316 24.18 -2.18 20.43
CA ALA B 316 23.94 -3.03 21.58
C ALA B 316 24.35 -2.26 22.83
N VAL B 317 23.41 -2.02 23.72
CA VAL B 317 23.73 -1.34 24.97
C VAL B 317 24.33 -2.32 25.95
N ASP B 318 25.43 -1.92 26.56
CA ASP B 318 26.03 -2.69 27.64
C ASP B 318 26.46 -4.06 27.15
N ASP B 319 26.77 -4.15 25.86
CA ASP B 319 27.27 -5.38 25.26
C ASP B 319 26.28 -6.52 25.43
N VAL B 320 25.00 -6.16 25.44
CA VAL B 320 23.93 -7.14 25.47
C VAL B 320 23.41 -7.36 24.05
N TYR B 321 23.45 -8.60 23.60
CA TYR B 321 23.03 -8.91 22.22
C TYR B 321 21.88 -9.88 22.18
N ASP B 322 21.00 -9.69 21.23
CA ASP B 322 19.97 -10.66 20.94
C ASP B 322 20.55 -11.70 20.00
N ILE B 323 20.77 -12.90 20.53
CA ILE B 323 21.30 -14.00 19.75
C ILE B 323 20.21 -15.03 19.59
N SER B 324 20.11 -15.59 18.38
CA SER B 324 19.02 -16.48 18.04
C SER B 324 19.47 -17.44 16.96
N ASN B 325 18.69 -18.49 16.73
CA ASN B 325 19.00 -19.41 15.65
C ASN B 325 18.73 -18.72 14.32
N ALA B 326 19.60 -18.95 13.35
CA ALA B 326 19.50 -18.27 12.07
C ALA B 326 18.50 -18.96 11.17
N ALA B 327 18.52 -20.29 11.20
CA ALA B 327 17.71 -21.08 10.30
C ALA B 327 16.32 -21.35 10.87
N ARG B 328 15.44 -21.88 10.01
CA ARG B 328 14.06 -22.17 10.39
C ARG B 328 13.67 -23.58 9.94
N LEU B 329 14.38 -24.11 8.95
CA LEU B 329 14.13 -25.44 8.42
C LEU B 329 15.25 -26.41 8.78
N LYS B 330 14.98 -27.70 8.62
CA LYS B 330 15.97 -28.77 8.71
C LYS B 330 16.21 -29.25 10.14
N LYS B 331 15.71 -28.51 11.11
CA LYS B 331 15.78 -28.91 12.51
C LYS B 331 14.42 -28.72 13.18
N SER B 332 14.11 -29.60 14.12
CA SER B 332 12.90 -29.50 14.89
C SER B 332 12.99 -28.32 15.85
N GLU B 333 11.86 -27.93 16.41
CA GLU B 333 11.80 -26.86 17.38
C GLU B 333 12.77 -27.15 18.51
N ARG B 334 12.67 -28.33 19.09
CA ARG B 334 13.51 -28.69 20.23
C ARG B 334 14.99 -28.63 19.84
N GLU B 335 15.30 -29.07 18.63
CA GLU B 335 16.67 -29.07 18.16
C GLU B 335 17.21 -27.65 18.00
N PHE B 336 16.34 -26.71 17.62
CA PHE B 336 16.76 -25.32 17.45
C PHE B 336 17.04 -24.68 18.81
N VAL B 337 16.25 -25.05 19.81
CA VAL B 337 16.49 -24.55 21.16
C VAL B 337 17.79 -25.16 21.68
N GLN B 338 18.04 -26.42 21.34
CA GLN B 338 19.28 -27.08 21.76
C GLN B 338 20.46 -26.43 21.05
N LEU B 339 20.26 -26.05 19.79
CA LEU B 339 21.27 -25.36 19.02
CA LEU B 339 21.28 -25.36 19.02
C LEU B 339 21.60 -24.03 19.69
N LEU B 340 20.56 -23.28 20.04
CA LEU B 340 20.75 -22.04 20.76
C LEU B 340 21.48 -22.31 22.05
N ILE B 341 21.06 -23.32 22.78
CA ILE B 341 21.65 -23.62 24.07
C ILE B 341 23.12 -23.94 23.90
N ASP B 342 23.42 -24.79 22.92
CA ASP B 342 24.78 -25.21 22.65
C ASP B 342 25.59 -23.99 22.25
N GLY B 343 25.02 -23.17 21.37
CA GLY B 343 25.68 -21.99 20.86
C GLY B 343 25.98 -20.97 21.95
N VAL B 344 24.96 -20.54 22.68
CA VAL B 344 25.14 -19.55 23.74
C VAL B 344 26.17 -20.02 24.76
N LYS B 345 26.11 -21.30 25.13
CA LYS B 345 27.05 -21.85 26.10
C LYS B 345 28.47 -21.72 25.59
N LYS B 346 28.67 -22.03 24.32
CA LYS B 346 29.96 -21.83 23.68
C LYS B 346 30.38 -20.39 23.80
N LEU B 347 29.49 -19.47 23.44
CA LEU B 347 29.77 -18.03 23.51
C LEU B 347 30.15 -17.59 24.93
N ILE B 348 29.44 -18.11 25.93
CA ILE B 348 29.72 -17.77 27.32
C ILE B 348 31.07 -18.35 27.73
N ASP B 349 31.39 -19.53 27.24
CA ASP B 349 32.69 -20.15 27.49
C ASP B 349 33.80 -19.29 26.92
N MET B 350 33.56 -18.73 25.72
CA MET B 350 34.55 -17.89 25.09
C MET B 350 34.62 -16.57 25.85
N GLU B 351 33.47 -16.10 26.30
CA GLU B 351 33.44 -14.84 27.03
C GLU B 351 34.29 -14.97 28.29
N GLN B 352 34.21 -16.13 28.92
CA GLN B 352 34.88 -16.35 30.21
C GLN B 352 36.36 -16.63 30.02
N ALA B 353 36.72 -17.23 28.89
CA ALA B 353 38.10 -17.39 28.52
C ALA B 353 38.72 -16.00 28.35
N LEU B 354 37.98 -15.09 27.72
CA LEU B 354 38.46 -13.73 27.49
C LEU B 354 38.52 -12.92 28.77
N GLU B 355 37.64 -13.24 29.72
CA GLU B 355 37.67 -12.60 31.03
C GLU B 355 38.99 -12.95 31.71
N ALA B 356 39.43 -14.19 31.50
CA ALA B 356 40.64 -14.69 32.13
C ALA B 356 41.87 -14.39 31.28
N GLY B 357 41.72 -13.51 30.30
CA GLY B 357 42.81 -13.11 29.43
C GLY B 357 43.37 -14.21 28.57
N LYS B 358 42.60 -15.27 28.35
CA LYS B 358 43.00 -16.33 27.42
C LYS B 358 42.59 -15.97 25.99
N SER B 359 43.40 -16.38 25.03
CA SER B 359 43.01 -16.30 23.64
C SER B 359 41.95 -17.36 23.41
N ILE B 360 41.15 -17.20 22.37
CA ILE B 360 40.06 -18.14 22.13
C ILE B 360 40.03 -18.67 20.71
N ASP B 361 41.13 -18.52 19.99
CA ASP B 361 41.20 -19.01 18.62
C ASP B 361 41.16 -20.54 18.64
N ASP B 362 41.50 -21.10 19.79
CA ASP B 362 41.46 -22.53 20.06
CA ASP B 362 41.44 -22.54 19.99
C ASP B 362 40.02 -23.00 20.25
N LEU B 363 39.08 -22.05 20.27
CA LEU B 363 37.70 -22.31 20.63
C LEU B 363 36.69 -21.86 19.57
N ILE B 364 37.09 -20.93 18.70
CA ILE B 364 36.16 -20.34 17.74
C ILE B 364 35.62 -21.38 16.75
#